data_7BV5
#
_entry.id   7BV5
#
_cell.length_a   138.591
_cell.length_b   118.543
_cell.length_c   91.142
_cell.angle_alpha   90.000
_cell.angle_beta   90.000
_cell.angle_gamma   90.000
#
_symmetry.space_group_name_H-M   'P 21 21 2'
#
loop_
_entity.id
_entity.type
_entity.pdbx_description
1 polymer 'tRNA-specific adenosine deaminase subunit TAD2'
2 polymer 'tRNA-specific adenosine deaminase subunit TAD3'
3 non-polymer 'ZINC ION'
4 water water
#
loop_
_entity_poly.entity_id
_entity_poly.type
_entity_poly.pdbx_seq_one_letter_code
_entity_poly.pdbx_strand_id
1 'polypeptide(L)'
;MADLQHIKHMRTAVRLARYALDHDETPVACIFVHTPTGQVMAYGMNDTNKSLTGVAHAEFMGIDQIKAMLGSRGVVDVFK
DITLYVTVEPCIMCASALKQLDIGKVVFGCGNERFGGNGTVLSVNHDTCTLVPKNNSAAGYESIPGILRKEAIMLLRYFY
VRQNERAPKPRSKSDRVLDKNTFPPMEWSKYLNEEAFIETFGDDYRTCFANKVDLSSNSVDWDLIDSHQDNIIQELEEQC
KMFKFNVHKKSKV
;
A,B
2 'polypeptide(L)'
;GPHMASMVKKVNNPLKIDYQNGIIENRLLQIRNFKDVNTPKLINVWSIRIDPRDSKKVIELIRNDFQKNDPVSLRHLKRI
RKDIETSTLEVVLCSKEYICDEGEINNKLKSIWVGTKKYELSDDIEVPEFAPSTKELNNAWSVKYWPLIWNGNPNDQILN
DYKIDMQEVRNELSRASTLSVKMATAGKQFPMVSVFVDPSRKKDKVVAEDGRNCENSLPIDHSVMVGIRAVGERLREGVD
EDANSYLCLDYDVYLTHEPCSMCSMALIHSRVRRVVFLTEMQRTGSLKLTSGDGYCMNDNKQLNSTYEAFQWIGEEYPVG
QVDRDVCC
;
C,D
#
loop_
_chem_comp.id
_chem_comp.type
_chem_comp.name
_chem_comp.formula
ZN non-polymer 'ZINC ION' 'Zn 2'
#
# COMPACT_ATOMS: atom_id res chain seq x y z
N ALA A 2 17.39 -24.26 0.76
CA ALA A 2 17.07 -24.34 2.24
C ALA A 2 18.32 -24.51 3.13
N ASP A 3 19.51 -24.43 2.53
CA ASP A 3 20.76 -24.09 3.22
C ASP A 3 20.58 -22.74 3.96
N LEU A 4 21.25 -22.62 5.11
CA LEU A 4 21.02 -21.50 6.05
C LEU A 4 21.89 -20.28 5.80
N GLN A 5 23.04 -20.49 5.16
CA GLN A 5 23.78 -19.37 4.59
C GLN A 5 22.90 -18.63 3.59
N HIS A 6 22.08 -19.38 2.86
CA HIS A 6 21.16 -18.78 1.90
C HIS A 6 20.10 -17.87 2.54
N ILE A 7 19.53 -18.33 3.64
CA ILE A 7 18.61 -17.50 4.42
C ILE A 7 19.32 -16.26 4.90
N LYS A 8 20.43 -16.46 5.60
CA LYS A 8 21.25 -15.36 6.09
C LYS A 8 21.51 -14.28 5.05
N HIS A 9 22.06 -14.66 3.91
CA HIS A 9 22.44 -13.68 2.89
C HIS A 9 21.24 -13.05 2.18
N MET A 10 20.17 -13.81 1.98
CA MET A 10 18.96 -13.24 1.42
C MET A 10 18.35 -12.25 2.38
N ARG A 11 18.43 -12.52 3.68
CA ARG A 11 17.95 -11.55 4.68
C ARG A 11 18.66 -10.21 4.50
N THR A 12 19.96 -10.25 4.27
CA THR A 12 20.74 -9.04 3.99
C THR A 12 20.20 -8.38 2.75
N ALA A 13 20.08 -9.14 1.68
CA ALA A 13 19.54 -8.58 0.45
C ALA A 13 18.19 -7.84 0.64
N VAL A 14 17.35 -8.41 1.49
CA VAL A 14 16.02 -7.90 1.73
C VAL A 14 16.13 -6.63 2.54
N ARG A 15 17.08 -6.57 3.47
CA ARG A 15 17.30 -5.33 4.22
C ARG A 15 17.70 -4.23 3.27
N LEU A 16 18.62 -4.53 2.36
CA LEU A 16 19.06 -3.55 1.36
C LEU A 16 17.93 -3.11 0.41
N ALA A 17 17.12 -4.07 -0.05
CA ALA A 17 15.94 -3.75 -0.87
C ALA A 17 14.97 -2.84 -0.12
N ARG A 18 14.80 -3.09 1.18
CA ARG A 18 14.00 -2.24 2.01
C ARG A 18 14.56 -0.81 1.99
N TYR A 19 15.87 -0.69 2.13
CA TYR A 19 16.52 0.63 2.04
C TYR A 19 16.18 1.31 0.71
N ALA A 20 16.25 0.53 -0.35
CA ALA A 20 15.94 1.04 -1.67
C ALA A 20 14.51 1.60 -1.73
N LEU A 21 13.56 0.85 -1.17
CA LEU A 21 12.18 1.28 -1.09
C LEU A 21 12.10 2.65 -0.45
N ASP A 22 12.77 2.80 0.68
CA ASP A 22 12.66 4.03 1.47
C ASP A 22 13.34 5.22 0.84
N HIS A 23 14.23 4.96 -0.13
CA HIS A 23 14.82 6.03 -0.94
C HIS A 23 14.20 6.11 -2.33
N ASP A 24 12.93 5.73 -2.43
CA ASP A 24 12.10 5.93 -3.63
C ASP A 24 12.55 5.17 -4.88
N GLU A 25 13.24 4.06 -4.68
CA GLU A 25 13.79 3.27 -5.75
C GLU A 25 13.11 1.88 -5.71
N THR A 26 13.15 1.15 -6.82
CA THR A 26 12.55 -0.18 -6.90
C THR A 26 13.28 -1.12 -5.98
N PRO A 27 12.57 -1.89 -5.14
CA PRO A 27 13.23 -2.77 -4.18
C PRO A 27 13.81 -4.06 -4.74
N VAL A 28 14.72 -3.92 -5.69
CA VAL A 28 15.55 -5.02 -6.18
C VAL A 28 16.94 -4.72 -5.65
N ALA A 29 17.55 -5.70 -4.99
CA ALA A 29 18.83 -5.51 -4.32
C ALA A 29 19.69 -6.79 -4.27
N CYS A 30 21.00 -6.57 -4.31
CA CYS A 30 22.02 -7.59 -4.56
C CYS A 30 23.01 -7.69 -3.42
N ILE A 31 23.43 -8.90 -3.16
CA ILE A 31 24.56 -9.14 -2.28
C ILE A 31 25.42 -10.18 -3.01
N PHE A 32 26.61 -9.78 -3.44
CA PHE A 32 27.57 -10.69 -4.05
C PHE A 32 28.43 -11.31 -2.94
N VAL A 33 28.41 -12.63 -2.85
CA VAL A 33 29.07 -13.29 -1.77
C VAL A 33 30.13 -14.16 -2.37
N HIS A 34 31.33 -14.07 -1.79
CA HIS A 34 32.47 -14.88 -2.19
C HIS A 34 32.29 -16.24 -1.55
N THR A 35 31.83 -17.21 -2.32
CA THR A 35 31.39 -18.51 -1.77
C THR A 35 32.45 -19.31 -0.96
N PRO A 36 33.70 -19.34 -1.43
CA PRO A 36 34.75 -20.05 -0.67
C PRO A 36 35.05 -19.52 0.75
N THR A 37 34.80 -18.24 1.01
CA THR A 37 35.03 -17.64 2.33
C THR A 37 33.76 -17.31 3.10
N GLY A 38 32.59 -17.34 2.47
CA GLY A 38 31.36 -16.84 3.09
C GLY A 38 31.27 -15.33 3.26
N GLN A 39 32.18 -14.57 2.65
CA GLN A 39 32.21 -13.12 2.80
C GLN A 39 31.38 -12.34 1.78
N VAL A 40 30.73 -11.30 2.27
CA VAL A 40 30.05 -10.33 1.44
C VAL A 40 31.11 -9.44 0.77
N MET A 41 31.15 -9.44 -0.56
CA MET A 41 32.15 -8.71 -1.34
C MET A 41 31.62 -7.50 -2.11
N ALA A 42 30.31 -7.44 -2.34
CA ALA A 42 29.71 -6.28 -3.01
C ALA A 42 28.21 -6.29 -2.83
N TYR A 43 27.61 -5.15 -3.15
CA TYR A 43 26.17 -5.04 -3.11
C TYR A 43 25.62 -4.19 -4.23
N GLY A 44 24.30 -4.23 -4.39
CA GLY A 44 23.62 -3.47 -5.46
C GLY A 44 22.20 -3.07 -5.09
N MET A 45 21.76 -1.98 -5.69
CA MET A 45 20.36 -1.62 -5.71
C MET A 45 20.05 -1.08 -7.08
N ASN A 46 18.78 -1.12 -7.43
CA ASN A 46 18.35 -0.48 -8.63
C ASN A 46 18.73 1.00 -8.56
N ASP A 47 19.15 1.56 -9.69
CA ASP A 47 19.64 2.92 -9.71
C ASP A 47 19.22 3.71 -10.94
N THR A 48 18.07 3.34 -11.49
CA THR A 48 17.59 3.99 -12.69
C THR A 48 17.03 5.40 -12.46
N ASN A 49 16.70 5.75 -11.22
CA ASN A 49 16.32 7.15 -10.90
C ASN A 49 17.48 8.11 -11.05
N LYS A 50 18.66 7.71 -10.59
CA LYS A 50 19.84 8.55 -10.74
C LYS A 50 20.41 8.48 -12.15
N SER A 51 20.49 7.29 -12.72
CA SER A 51 21.18 7.10 -14.00
C SER A 51 20.42 7.68 -15.17
N LEU A 52 19.10 7.71 -15.06
CA LEU A 52 18.23 8.12 -16.15
C LEU A 52 18.38 7.20 -17.36
N THR A 53 18.79 5.96 -17.10
CA THR A 53 18.87 4.93 -18.13
C THR A 53 17.99 3.84 -17.62
N GLY A 54 17.60 2.92 -18.49
CA GLY A 54 16.84 1.75 -18.07
C GLY A 54 17.72 0.53 -17.83
N VAL A 55 19.02 0.71 -17.63
CA VAL A 55 19.96 -0.42 -17.51
C VAL A 55 20.70 -0.50 -16.16
N ALA A 56 20.53 0.51 -15.29
CA ALA A 56 21.30 0.59 -14.04
C ALA A 56 20.66 -0.26 -12.95
N HIS A 57 20.64 -1.58 -13.18
CA HIS A 57 20.00 -2.54 -12.30
C HIS A 57 20.95 -2.91 -11.18
N ALA A 58 20.40 -3.38 -10.08
CA ALA A 58 21.21 -3.86 -8.95
C ALA A 58 22.48 -4.61 -9.32
N GLU A 59 22.36 -5.63 -10.17
CA GLU A 59 23.46 -6.51 -10.52
C GLU A 59 24.58 -5.69 -11.17
N PHE A 60 24.17 -4.79 -12.06
CA PHE A 60 25.11 -3.91 -12.71
C PHE A 60 25.89 -3.06 -11.73
N MET A 61 25.23 -2.52 -10.72
CA MET A 61 25.87 -1.70 -9.70
C MET A 61 26.94 -2.51 -8.98
N GLY A 62 26.64 -3.76 -8.71
CA GLY A 62 27.56 -4.60 -7.97
C GLY A 62 28.73 -5.01 -8.83
N ILE A 63 28.49 -5.23 -10.12
CA ILE A 63 29.56 -5.52 -11.04
C ILE A 63 30.55 -4.33 -11.04
N ASP A 64 30.05 -3.10 -11.12
CA ASP A 64 30.90 -1.91 -11.02
C ASP A 64 31.70 -1.87 -9.72
N GLN A 65 31.05 -2.13 -8.61
CA GLN A 65 31.79 -2.15 -7.35
C GLN A 65 32.97 -3.12 -7.37
N ILE A 66 32.76 -4.32 -7.89
CA ILE A 66 33.80 -5.33 -7.95
C ILE A 66 34.88 -4.87 -8.93
N LYS A 67 34.48 -4.34 -10.10
CA LYS A 67 35.43 -3.80 -11.06
C LYS A 67 36.28 -2.73 -10.41
N ALA A 68 35.65 -1.86 -9.63
CA ALA A 68 36.40 -0.87 -8.86
C ALA A 68 37.32 -1.49 -7.78
N MET A 69 36.87 -2.51 -7.06
CA MET A 69 37.68 -3.14 -6.00
C MET A 69 38.83 -3.99 -6.52
N LEU A 70 38.63 -4.65 -7.66
CA LEU A 70 39.48 -5.73 -8.16
C LEU A 70 40.00 -5.51 -9.58
N GLY A 71 39.51 -4.51 -10.29
CA GLY A 71 39.82 -4.36 -11.70
C GLY A 71 39.17 -5.40 -12.58
N SER A 72 39.24 -5.15 -13.88
CA SER A 72 38.60 -5.98 -14.85
C SER A 72 39.08 -7.40 -14.81
N ARG A 73 40.38 -7.59 -14.88
CA ARG A 73 40.94 -8.91 -14.63
C ARG A 73 40.42 -9.56 -13.34
N GLY A 74 40.45 -8.78 -12.25
CA GLY A 74 39.92 -9.25 -10.98
C GLY A 74 38.51 -9.81 -11.08
N VAL A 75 37.63 -9.06 -11.76
CA VAL A 75 36.22 -9.39 -11.87
C VAL A 75 36.12 -10.72 -12.55
N VAL A 76 36.71 -10.79 -13.73
CA VAL A 76 36.67 -11.98 -14.55
C VAL A 76 37.23 -13.19 -13.82
N ASP A 77 38.33 -13.00 -13.08
CA ASP A 77 38.97 -14.11 -12.35
C ASP A 77 38.15 -14.60 -11.17
N VAL A 78 37.69 -13.69 -10.33
CA VAL A 78 36.98 -14.08 -9.09
C VAL A 78 35.55 -14.61 -9.32
N PHE A 79 34.91 -14.15 -10.39
CA PHE A 79 33.46 -14.27 -10.55
C PHE A 79 32.92 -15.69 -10.46
N LYS A 80 33.66 -16.66 -10.97
CA LYS A 80 33.21 -18.05 -10.88
C LYS A 80 33.07 -18.52 -9.44
N ASP A 81 33.77 -17.87 -8.53
CA ASP A 81 33.61 -18.16 -7.12
C ASP A 81 32.45 -17.46 -6.41
N ILE A 82 31.63 -16.70 -7.13
CA ILE A 82 30.63 -15.84 -6.48
C ILE A 82 29.28 -16.46 -6.46
N THR A 83 28.62 -16.41 -5.29
CA THR A 83 27.19 -16.64 -5.17
C THR A 83 26.48 -15.27 -5.06
N LEU A 84 25.56 -15.00 -6.00
CA LEU A 84 24.75 -13.79 -5.99
C LEU A 84 23.43 -14.06 -5.28
N TYR A 85 23.00 -13.09 -4.45
CA TYR A 85 21.71 -13.13 -3.73
C TYR A 85 20.90 -11.93 -4.14
N VAL A 86 19.74 -12.18 -4.76
CA VAL A 86 18.86 -11.11 -5.25
C VAL A 86 17.42 -11.35 -4.79
N THR A 87 16.71 -10.27 -4.51
CA THR A 87 15.35 -10.39 -4.05
C THR A 87 14.45 -10.75 -5.21
N VAL A 88 14.70 -10.20 -6.39
CA VAL A 88 13.96 -10.54 -7.58
C VAL A 88 14.88 -11.17 -8.61
N GLU A 89 14.42 -12.27 -9.18
CA GLU A 89 15.04 -12.97 -10.30
C GLU A 89 15.63 -11.98 -11.28
N PRO A 90 16.90 -12.19 -11.65
CA PRO A 90 17.49 -11.33 -12.66
C PRO A 90 16.68 -11.19 -13.95
N CYS A 91 16.59 -9.99 -14.47
CA CYS A 91 15.95 -9.82 -15.75
C CYS A 91 16.85 -10.44 -16.79
N ILE A 92 16.28 -10.72 -17.97
CA ILE A 92 17.03 -11.27 -19.11
C ILE A 92 18.38 -10.58 -19.31
N MET A 93 18.39 -9.25 -19.24
CA MET A 93 19.61 -8.48 -19.46
C MET A 93 20.66 -8.77 -18.39
N CYS A 94 20.25 -8.78 -17.12
CA CYS A 94 21.14 -9.11 -16.00
C CYS A 94 21.54 -10.59 -15.97
N ALA A 95 20.59 -11.48 -16.25
CA ALA A 95 20.89 -12.90 -16.39
C ALA A 95 21.94 -13.16 -17.45
N SER A 96 21.88 -12.40 -18.53
CA SER A 96 22.84 -12.55 -19.61
C SER A 96 24.21 -11.99 -19.21
N ALA A 97 24.24 -10.85 -18.53
CA ALA A 97 25.52 -10.28 -18.11
C ALA A 97 26.21 -11.24 -17.12
N LEU A 98 25.41 -11.79 -16.20
CA LEU A 98 25.95 -12.74 -15.26
C LEU A 98 26.44 -14.03 -15.91
N LYS A 99 25.77 -14.46 -16.97
CA LYS A 99 26.20 -15.63 -17.75
C LYS A 99 27.59 -15.40 -18.37
N GLN A 100 27.74 -14.24 -19.01
CA GLN A 100 28.95 -13.88 -19.76
C GLN A 100 30.14 -13.72 -18.84
N LEU A 101 29.88 -13.22 -17.63
CA LEU A 101 30.91 -13.09 -16.60
C LEU A 101 31.18 -14.40 -15.81
N ASP A 102 30.41 -15.44 -16.11
CA ASP A 102 30.66 -16.76 -15.56
C ASP A 102 30.47 -16.80 -14.05
N ILE A 103 29.31 -16.36 -13.59
CA ILE A 103 29.01 -16.38 -12.17
C ILE A 103 28.87 -17.81 -11.66
N GLY A 104 29.26 -18.02 -10.41
CA GLY A 104 29.07 -19.32 -9.78
C GLY A 104 27.62 -19.79 -9.69
N LYS A 105 26.77 -18.93 -9.14
CA LYS A 105 25.43 -19.31 -8.74
C LYS A 105 24.58 -18.09 -8.39
N VAL A 106 23.28 -18.23 -8.59
CA VAL A 106 22.32 -17.20 -8.22
C VAL A 106 21.31 -17.83 -7.28
N VAL A 107 20.97 -17.12 -6.22
CA VAL A 107 19.89 -17.46 -5.33
C VAL A 107 18.97 -16.29 -5.38
N PHE A 108 17.68 -16.49 -5.66
CA PHE A 108 16.73 -15.38 -5.65
C PHE A 108 15.45 -15.69 -4.90
N GLY A 109 14.71 -14.63 -4.59
CA GLY A 109 13.46 -14.74 -3.85
C GLY A 109 12.28 -15.03 -4.76
N CYS A 110 11.69 -13.97 -5.29
CA CYS A 110 10.53 -14.13 -6.11
C CYS A 110 10.91 -14.01 -7.56
N GLY A 111 10.07 -14.60 -8.43
CA GLY A 111 10.29 -14.61 -9.86
C GLY A 111 10.00 -13.23 -10.39
N ASN A 112 10.48 -12.96 -11.60
CA ASN A 112 10.35 -11.67 -12.20
C ASN A 112 9.38 -11.85 -13.32
N GLU A 113 8.11 -11.57 -13.02
CA GLU A 113 7.00 -11.95 -13.88
C GLU A 113 7.10 -11.49 -15.37
N ARG A 114 7.67 -10.31 -15.63
CA ARG A 114 7.69 -9.73 -16.99
C ARG A 114 8.98 -9.90 -17.78
N PHE A 115 10.11 -9.95 -17.07
CA PHE A 115 11.46 -9.94 -17.67
C PHE A 115 12.40 -11.04 -17.18
N GLY A 116 11.92 -11.94 -16.36
CA GLY A 116 12.78 -12.90 -15.68
C GLY A 116 13.57 -13.83 -16.58
N GLY A 117 14.89 -13.71 -16.55
CA GLY A 117 15.79 -14.52 -17.38
C GLY A 117 16.52 -15.67 -16.71
N ASN A 118 15.97 -16.20 -15.62
CA ASN A 118 16.43 -17.47 -15.04
C ASN A 118 15.26 -18.43 -14.95
N GLY A 119 14.44 -18.49 -15.98
CA GLY A 119 13.31 -19.40 -16.00
C GLY A 119 11.96 -18.82 -16.27
N THR A 120 11.67 -17.62 -15.75
CA THR A 120 10.30 -17.13 -15.80
C THR A 120 9.87 -16.80 -17.25
N VAL A 121 10.71 -16.09 -17.98
CA VAL A 121 10.39 -15.76 -19.37
C VAL A 121 11.40 -16.43 -20.31
N LEU A 122 12.68 -16.26 -19.98
CA LEU A 122 13.74 -17.02 -20.62
C LEU A 122 14.59 -17.75 -19.57
N SER A 123 15.35 -18.75 -20.00
CA SER A 123 16.35 -19.42 -19.13
C SER A 123 17.74 -19.19 -19.71
N VAL A 124 18.19 -17.94 -19.57
CA VAL A 124 19.43 -17.49 -20.13
C VAL A 124 20.53 -18.25 -19.45
N ASN A 125 20.38 -18.54 -18.16
CA ASN A 125 21.42 -19.24 -17.42
C ASN A 125 21.72 -20.68 -17.89
N HIS A 126 20.83 -21.26 -18.70
CA HIS A 126 21.05 -22.57 -19.37
C HIS A 126 20.85 -22.51 -20.87
N ASP A 127 21.10 -21.36 -21.48
CA ASP A 127 20.94 -21.22 -22.91
C ASP A 127 22.24 -21.62 -23.61
N THR A 128 22.21 -21.54 -24.95
CA THR A 128 23.34 -21.89 -25.83
C THR A 128 23.90 -20.70 -26.62
N CYS A 129 23.16 -19.59 -26.68
CA CYS A 129 23.60 -18.42 -27.42
C CYS A 129 24.28 -17.36 -26.56
N THR A 130 24.28 -17.52 -25.25
CA THR A 130 24.97 -16.59 -24.37
C THR A 130 26.20 -17.27 -23.76
N LEU A 131 27.38 -16.84 -24.17
CA LEU A 131 28.65 -17.56 -23.94
C LEU A 131 29.60 -16.91 -22.92
N VAL A 132 30.39 -17.77 -22.27
CA VAL A 132 31.57 -17.33 -21.51
C VAL A 132 32.72 -17.15 -22.51
N PRO A 133 33.26 -15.93 -22.67
CA PRO A 133 34.25 -15.70 -23.72
C PRO A 133 35.61 -16.38 -23.57
N LYS A 134 35.99 -16.78 -22.35
CA LYS A 134 37.33 -17.39 -22.10
C LYS A 134 37.51 -18.53 -23.07
N ASN A 135 36.53 -19.44 -23.06
CA ASN A 135 36.52 -20.67 -23.88
C ASN A 135 35.25 -20.80 -24.75
N ASN A 136 34.57 -19.67 -24.99
CA ASN A 136 33.32 -19.61 -25.77
C ASN A 136 32.31 -20.71 -25.41
N SER A 137 32.18 -20.94 -24.10
CA SER A 137 31.39 -22.04 -23.53
C SER A 137 30.01 -21.58 -23.07
N ALA A 138 29.17 -22.55 -22.74
CA ALA A 138 27.87 -22.24 -22.10
C ALA A 138 27.44 -23.37 -21.17
N ALA A 139 28.30 -23.79 -20.25
CA ALA A 139 27.91 -24.79 -19.23
C ALA A 139 26.75 -24.34 -18.37
N GLY A 140 26.65 -23.03 -18.13
CA GLY A 140 25.57 -22.45 -17.33
C GLY A 140 25.82 -22.24 -15.84
N TYR A 141 24.84 -21.64 -15.19
CA TYR A 141 24.81 -21.52 -13.75
C TYR A 141 23.43 -21.90 -13.22
N GLU A 142 23.43 -22.40 -12.01
CA GLU A 142 22.21 -22.73 -11.31
C GLU A 142 21.56 -21.44 -10.79
N SER A 143 20.25 -21.41 -10.77
CA SER A 143 19.54 -20.30 -10.12
C SER A 143 18.48 -20.83 -9.17
N ILE A 144 18.73 -20.71 -7.88
CA ILE A 144 17.85 -21.23 -6.85
C ILE A 144 16.72 -20.26 -6.55
N PRO A 145 15.47 -20.62 -6.87
CA PRO A 145 14.33 -19.74 -6.61
C PRO A 145 13.66 -19.94 -5.26
N GLY A 146 12.92 -18.94 -4.81
CA GLY A 146 11.98 -19.08 -3.69
C GLY A 146 12.48 -18.79 -2.28
N ILE A 147 13.69 -18.25 -2.13
CA ILE A 147 14.27 -17.93 -0.81
C ILE A 147 13.88 -16.52 -0.36
N LEU A 148 13.04 -16.47 0.68
CA LEU A 148 12.29 -15.28 1.10
C LEU A 148 11.46 -14.70 -0.04
N ARG A 149 10.73 -15.58 -0.72
CA ARG A 149 9.91 -15.21 -1.84
C ARG A 149 8.81 -14.26 -1.40
N LYS A 150 8.15 -14.60 -0.29
CA LYS A 150 7.07 -13.79 0.26
C LYS A 150 7.54 -12.38 0.55
N GLU A 151 8.73 -12.28 1.14
CA GLU A 151 9.31 -10.99 1.54
C GLU A 151 9.56 -10.07 0.34
N ALA A 152 10.18 -10.65 -0.70
CA ALA A 152 10.41 -9.95 -1.96
C ALA A 152 9.12 -9.46 -2.58
N ILE A 153 8.11 -10.34 -2.61
CA ILE A 153 6.79 -10.00 -3.19
C ILE A 153 6.15 -8.85 -2.42
N MET A 154 6.28 -8.87 -1.10
CA MET A 154 5.65 -7.85 -0.26
C MET A 154 6.33 -6.51 -0.46
N LEU A 155 7.67 -6.52 -0.53
CA LEU A 155 8.41 -5.29 -0.84
C LEU A 155 8.01 -4.69 -2.18
N LEU A 156 7.78 -5.54 -3.17
CA LEU A 156 7.32 -5.03 -4.46
C LEU A 156 5.95 -4.38 -4.34
N ARG A 157 5.03 -4.99 -3.57
CA ARG A 157 3.68 -4.45 -3.36
C ARG A 157 3.75 -3.10 -2.65
N TYR A 158 4.61 -2.99 -1.64
CA TYR A 158 4.87 -1.68 -1.03
C TYR A 158 5.28 -0.64 -2.10
N PHE A 159 6.20 -1.02 -2.99
CA PHE A 159 6.67 -0.12 -4.05
C PHE A 159 5.52 0.34 -4.98
N TYR A 160 4.70 -0.60 -5.41
CA TYR A 160 3.59 -0.27 -6.32
C TYR A 160 2.65 0.76 -5.69
N VAL A 161 2.35 0.55 -4.41
CA VAL A 161 1.52 1.48 -3.65
C VAL A 161 2.21 2.87 -3.50
N ARG A 162 3.47 2.84 -3.10
CA ARG A 162 4.22 4.05 -2.88
C ARG A 162 4.31 4.84 -4.17
N GLN A 163 4.59 4.15 -5.28
CA GLN A 163 4.74 4.80 -6.59
C GLN A 163 3.59 5.76 -6.94
N ASN A 164 2.38 5.37 -6.60
CA ASN A 164 1.20 6.21 -6.86
C ASN A 164 1.15 7.57 -6.10
N GLU A 165 2.01 7.78 -5.10
CA GLU A 165 2.01 9.01 -4.29
C GLU A 165 2.82 10.11 -4.95
N ARG A 166 2.12 10.81 -5.85
CA ARG A 166 2.74 11.81 -6.72
C ARG A 166 1.68 12.86 -7.12
N ALA A 167 2.10 13.93 -7.81
CA ALA A 167 1.20 15.02 -8.26
C ALA A 167 0.30 14.58 -9.43
N PRO A 168 -1.01 14.90 -9.41
CA PRO A 168 -1.99 14.39 -10.39
C PRO A 168 -1.77 14.99 -11.79
N ASN A 181 -0.99 -15.72 3.66
CA ASN A 181 -1.47 -14.71 2.72
C ASN A 181 -1.67 -15.26 1.30
N THR A 182 -2.24 -14.40 0.46
CA THR A 182 -2.44 -14.68 -0.99
C THR A 182 -1.17 -14.33 -1.79
N PHE A 183 -0.37 -15.35 -2.09
CA PHE A 183 0.78 -15.24 -2.98
C PHE A 183 0.52 -16.13 -4.20
N PRO A 184 0.90 -15.69 -5.42
CA PRO A 184 0.55 -16.49 -6.60
C PRO A 184 1.08 -17.93 -6.60
N PRO A 185 0.44 -18.83 -7.36
CA PRO A 185 1.02 -20.15 -7.45
C PRO A 185 2.45 -20.06 -7.97
N MET A 186 3.31 -20.91 -7.44
CA MET A 186 4.74 -20.92 -7.74
C MET A 186 5.05 -22.01 -8.79
N GLU A 187 5.18 -21.63 -10.06
CA GLU A 187 5.48 -22.57 -11.16
C GLU A 187 6.95 -23.03 -11.10
N TRP A 188 7.28 -23.86 -10.10
CA TRP A 188 8.68 -24.27 -9.82
C TRP A 188 9.40 -24.96 -10.97
N SER A 189 8.64 -25.74 -11.74
CA SER A 189 9.17 -26.49 -12.88
C SER A 189 9.78 -25.63 -14.00
N LYS A 190 9.60 -24.31 -13.92
CA LYS A 190 10.32 -23.37 -14.79
C LYS A 190 11.78 -23.19 -14.39
N TYR A 191 12.12 -23.43 -13.13
CA TYR A 191 13.49 -23.22 -12.62
C TYR A 191 14.31 -24.46 -12.24
N LEU A 192 13.67 -25.61 -12.06
CA LEU A 192 14.37 -26.88 -11.77
C LEU A 192 13.44 -28.11 -11.90
N ASN A 193 14.03 -29.28 -12.14
CA ASN A 193 13.31 -30.60 -12.16
C ASN A 193 13.15 -31.15 -10.76
N GLU A 194 12.09 -31.92 -10.53
CA GLU A 194 11.79 -32.50 -9.20
C GLU A 194 13.03 -33.07 -8.52
N GLU A 195 13.87 -33.77 -9.28
CA GLU A 195 15.15 -34.29 -8.77
C GLU A 195 16.08 -33.14 -8.32
N ALA A 196 16.21 -32.12 -9.18
CA ALA A 196 17.01 -30.91 -8.86
C ALA A 196 16.40 -30.07 -7.71
N PHE A 197 15.09 -30.13 -7.58
CA PHE A 197 14.37 -29.54 -6.44
C PHE A 197 14.84 -30.17 -5.12
N ILE A 198 14.78 -31.50 -5.05
CA ILE A 198 15.03 -32.24 -3.79
C ILE A 198 16.52 -32.27 -3.44
N GLU A 199 17.41 -32.18 -4.43
CA GLU A 199 18.83 -31.91 -4.17
C GLU A 199 19.00 -30.48 -3.56
N THR A 200 18.25 -29.51 -4.08
CA THR A 200 18.27 -28.12 -3.60
C THR A 200 17.63 -27.93 -2.20
N PHE A 201 16.49 -28.59 -1.98
CA PHE A 201 15.69 -28.44 -0.74
C PHE A 201 15.54 -29.76 0.01
N GLY A 202 14.88 -29.72 1.17
CA GLY A 202 14.63 -30.95 1.96
C GLY A 202 13.65 -31.90 1.28
N ASP A 203 13.67 -33.17 1.67
CA ASP A 203 12.75 -34.18 1.13
C ASP A 203 11.31 -34.03 1.63
N ASP A 204 11.11 -33.35 2.77
CA ASP A 204 9.78 -33.12 3.34
C ASP A 204 9.11 -31.96 2.62
N TYR A 205 9.77 -30.81 2.64
CA TYR A 205 9.38 -29.63 1.83
C TYR A 205 9.41 -29.99 0.36
N ARG A 206 10.36 -30.82 -0.03
CA ARG A 206 10.47 -31.35 -1.38
C ARG A 206 9.13 -31.70 -2.02
N THR A 207 8.67 -32.90 -1.70
CA THR A 207 7.51 -33.47 -2.34
C THR A 207 6.36 -32.45 -2.37
N CYS A 208 5.96 -31.94 -1.21
CA CYS A 208 4.70 -31.21 -1.11
C CYS A 208 4.69 -29.92 -1.93
N PHE A 209 5.84 -29.24 -1.97
CA PHE A 209 5.92 -27.88 -2.51
C PHE A 209 6.05 -27.84 -4.04
N ALA A 210 6.99 -28.61 -4.57
CA ALA A 210 7.09 -28.81 -6.03
C ALA A 210 5.76 -29.27 -6.61
N ASN A 211 5.07 -30.18 -5.91
CA ASN A 211 3.77 -30.73 -6.34
C ASN A 211 2.63 -29.72 -6.44
N LYS A 212 2.34 -29.01 -5.37
CA LYS A 212 1.16 -28.13 -5.32
C LYS A 212 1.37 -26.70 -5.84
N VAL A 213 2.55 -26.39 -6.41
CA VAL A 213 2.85 -25.05 -6.92
C VAL A 213 2.68 -23.98 -5.83
N ASP A 214 3.35 -24.18 -4.69
CA ASP A 214 3.24 -23.31 -3.50
C ASP A 214 4.61 -23.02 -2.84
N LEU A 215 4.62 -21.99 -1.97
CA LEU A 215 5.84 -21.39 -1.47
C LEU A 215 6.39 -22.14 -0.28
N SER A 216 7.71 -22.29 -0.19
CA SER A 216 8.43 -22.95 0.93
C SER A 216 8.03 -22.60 2.40
N SER A 217 7.35 -21.46 2.64
CA SER A 217 7.17 -20.92 4.00
C SER A 217 5.70 -20.77 4.35
N ASN A 218 5.47 -20.41 5.62
CA ASN A 218 4.12 -20.28 6.22
C ASN A 218 3.71 -18.94 6.86
N SER A 219 4.66 -18.03 7.12
CA SER A 219 4.31 -16.66 7.58
C SER A 219 5.31 -15.61 7.11
N VAL A 220 4.81 -14.43 6.82
CA VAL A 220 5.61 -13.34 6.25
C VAL A 220 6.39 -12.68 7.39
N ASP A 221 7.69 -12.52 7.22
CA ASP A 221 8.53 -11.89 8.24
C ASP A 221 8.30 -10.38 8.21
N TRP A 222 7.30 -9.95 8.97
CA TRP A 222 6.87 -8.55 8.96
C TRP A 222 7.92 -7.60 9.51
N ASP A 223 8.62 -7.98 10.58
CA ASP A 223 9.62 -7.07 11.15
C ASP A 223 10.72 -6.76 10.13
N LEU A 224 11.18 -7.78 9.41
CA LEU A 224 12.25 -7.64 8.42
C LEU A 224 11.89 -6.66 7.31
N ILE A 225 10.70 -6.79 6.77
CA ILE A 225 10.27 -5.93 5.68
C ILE A 225 9.63 -4.58 6.08
N ASP A 226 9.15 -4.48 7.33
CA ASP A 226 8.53 -3.24 7.82
C ASP A 226 9.46 -2.24 8.53
N SER A 227 10.57 -2.73 9.06
CA SER A 227 11.54 -1.88 9.74
C SER A 227 12.55 -1.35 8.77
N HIS A 228 12.94 -0.10 9.00
CA HIS A 228 13.89 0.61 8.15
C HIS A 228 15.32 0.13 8.41
N GLN A 229 16.23 0.47 7.49
CA GLN A 229 17.61 -0.03 7.48
C GLN A 229 18.55 1.09 7.03
N ASP A 230 18.44 2.24 7.66
CA ASP A 230 19.22 3.39 7.24
C ASP A 230 20.74 3.23 7.41
N ASN A 231 21.17 2.39 8.34
CA ASN A 231 22.59 2.09 8.53
C ASN A 231 23.14 1.06 7.54
N ILE A 232 22.26 0.34 6.82
CA ILE A 232 22.64 -0.80 5.93
C ILE A 232 23.84 -0.50 4.99
N ILE A 233 23.90 0.72 4.49
CA ILE A 233 24.96 1.09 3.58
C ILE A 233 26.29 1.04 4.33
N GLN A 234 26.36 1.75 5.46
CA GLN A 234 27.58 1.75 6.30
C GLN A 234 28.00 0.34 6.76
N GLU A 235 27.01 -0.49 7.08
CA GLU A 235 27.29 -1.90 7.45
C GLU A 235 27.95 -2.66 6.31
N LEU A 236 27.36 -2.57 5.11
CA LEU A 236 27.89 -3.28 3.92
C LEU A 236 29.24 -2.73 3.47
N GLU A 237 29.42 -1.42 3.66
CA GLU A 237 30.70 -0.77 3.39
C GLU A 237 31.81 -1.36 4.25
N GLU A 238 31.61 -1.43 5.54
CA GLU A 238 32.62 -2.03 6.44
C GLU A 238 32.88 -3.49 6.00
N GLN A 239 31.83 -4.26 5.78
CA GLN A 239 31.97 -5.65 5.34
C GLN A 239 32.68 -5.82 4.01
N CYS A 240 32.44 -4.90 3.09
CA CYS A 240 33.07 -4.99 1.77
C CYS A 240 34.57 -4.70 1.89
N LYS A 241 34.89 -3.64 2.64
CA LYS A 241 36.30 -3.24 2.87
C LYS A 241 37.09 -4.29 3.65
N MET A 242 36.43 -5.01 4.54
CA MET A 242 37.06 -6.17 5.16
C MET A 242 37.47 -7.22 4.13
N PHE A 243 36.58 -7.52 3.18
CA PHE A 243 36.88 -8.48 2.12
C PHE A 243 38.07 -7.97 1.30
N LYS A 244 38.08 -6.66 1.03
CA LYS A 244 39.18 -6.03 0.29
C LYS A 244 40.53 -6.23 1.00
N PHE A 245 40.56 -6.07 2.33
CA PHE A 245 41.79 -6.29 3.13
C PHE A 245 42.15 -7.75 3.26
N ASN A 246 41.16 -8.64 3.15
CA ASN A 246 41.42 -10.09 3.03
C ASN A 246 41.88 -10.52 1.62
N VAL A 247 41.84 -9.59 0.66
CA VAL A 247 42.49 -9.75 -0.65
C VAL A 247 43.74 -8.88 -0.65
N LEU B 4 0.14 34.38 9.14
CA LEU B 4 1.13 33.42 8.52
C LEU B 4 1.70 32.35 9.47
N GLN B 5 1.74 32.65 10.77
CA GLN B 5 2.28 31.73 11.80
C GLN B 5 1.69 30.32 11.81
N HIS B 6 0.37 30.23 11.69
CA HIS B 6 -0.30 28.95 11.70
C HIS B 6 0.11 28.07 10.53
N ILE B 7 0.42 28.70 9.41
CA ILE B 7 0.79 27.98 8.20
C ILE B 7 2.20 27.45 8.39
N LYS B 8 3.08 28.26 8.95
CA LYS B 8 4.43 27.84 9.23
C LYS B 8 4.44 26.59 10.09
N HIS B 9 3.74 26.62 11.21
CA HIS B 9 3.71 25.50 12.15
C HIS B 9 2.88 24.28 11.69
N MET B 10 1.82 24.51 10.94
CA MET B 10 1.06 23.41 10.36
C MET B 10 1.91 22.65 9.33
N ARG B 11 2.74 23.38 8.62
CA ARG B 11 3.69 22.77 7.72
C ARG B 11 4.64 21.84 8.47
N THR B 12 5.18 22.27 9.62
CA THR B 12 6.02 21.35 10.47
C THR B 12 5.24 20.08 10.88
N ALA B 13 3.96 20.23 11.18
CA ALA B 13 3.14 19.11 11.57
C ALA B 13 2.84 18.14 10.39
N VAL B 14 2.64 18.68 9.21
CA VAL B 14 2.43 17.84 8.02
C VAL B 14 3.70 17.06 7.74
N ARG B 15 4.84 17.73 7.87
CA ARG B 15 6.11 17.07 7.70
C ARG B 15 6.20 15.85 8.61
N LEU B 16 5.90 16.05 9.89
CA LEU B 16 5.94 14.99 10.89
C LEU B 16 4.89 13.89 10.61
N ALA B 17 3.73 14.34 10.11
CA ALA B 17 2.68 13.41 9.68
C ALA B 17 3.20 12.47 8.60
N ARG B 18 3.86 13.05 7.60
CA ARG B 18 4.52 12.25 6.55
C ARG B 18 5.51 11.23 7.13
N TYR B 19 6.41 11.70 7.99
CA TYR B 19 7.32 10.82 8.67
C TYR B 19 6.56 9.61 9.29
N ALA B 20 5.43 9.90 9.95
CA ALA B 20 4.63 8.83 10.55
C ALA B 20 4.10 7.87 9.49
N LEU B 21 3.65 8.41 8.37
CA LEU B 21 3.15 7.61 7.25
C LEU B 21 4.24 6.65 6.79
N ASP B 22 5.45 7.19 6.58
CA ASP B 22 6.61 6.39 6.19
C ASP B 22 7.12 5.40 7.26
N HIS B 23 6.56 5.45 8.47
CA HIS B 23 6.74 4.40 9.47
C HIS B 23 5.46 3.66 9.83
N ASP B 24 4.57 3.55 8.86
CA ASP B 24 3.39 2.70 8.98
C ASP B 24 2.47 3.10 10.12
N GLU B 25 2.43 4.38 10.47
CA GLU B 25 1.47 4.90 11.46
C GLU B 25 0.47 5.81 10.77
N THR B 26 -0.64 6.08 11.44
CA THR B 26 -1.61 6.99 10.86
C THR B 26 -0.94 8.37 10.84
N PRO B 27 -1.18 9.13 9.76
CA PRO B 27 -0.55 10.44 9.63
C PRO B 27 -1.24 11.52 10.47
N VAL B 28 -1.47 11.19 11.73
CA VAL B 28 -1.89 12.19 12.71
C VAL B 28 -0.66 12.55 13.50
N ALA B 29 -0.29 13.82 13.44
CA ALA B 29 0.92 14.31 14.07
C ALA B 29 0.74 15.76 14.51
N CYS B 30 1.41 16.12 15.59
CA CYS B 30 1.17 17.41 16.18
C CYS B 30 2.41 18.00 16.74
N ILE B 31 2.38 19.33 16.76
CA ILE B 31 3.44 20.19 17.23
C ILE B 31 2.86 21.10 18.33
N PHE B 32 3.42 20.99 19.53
CA PHE B 32 3.08 21.86 20.66
C PHE B 32 3.94 23.12 20.56
N VAL B 33 3.29 24.28 20.44
CA VAL B 33 4.03 25.55 20.35
C VAL B 33 3.77 26.37 21.59
N HIS B 34 4.82 26.86 22.21
CA HIS B 34 4.71 27.83 23.30
C HIS B 34 4.31 29.19 22.71
N THR B 35 3.04 29.59 22.85
CA THR B 35 2.46 30.71 22.08
C THR B 35 3.13 32.08 22.29
N PRO B 36 3.36 32.49 23.57
CA PRO B 36 4.02 33.79 23.83
C PRO B 36 5.33 34.07 23.04
N THR B 37 6.07 33.03 22.69
CA THR B 37 7.38 33.15 22.05
C THR B 37 7.53 32.39 20.70
N GLY B 38 6.44 31.86 20.14
CA GLY B 38 6.48 31.06 18.89
C GLY B 38 7.43 29.88 18.79
N GLN B 39 7.99 29.40 19.91
CA GLN B 39 8.90 28.25 19.94
C GLN B 39 8.14 26.90 19.96
N VAL B 40 8.69 25.90 19.28
CA VAL B 40 8.25 24.51 19.38
C VAL B 40 8.83 23.91 20.66
N MET B 41 7.97 23.29 21.47
CA MET B 41 8.37 22.75 22.77
C MET B 41 8.10 21.26 23.00
N ALA B 42 7.31 20.64 22.13
CA ALA B 42 7.11 19.17 22.09
C ALA B 42 6.44 18.79 20.78
N TYR B 43 6.37 17.50 20.51
CA TYR B 43 5.68 17.00 19.33
C TYR B 43 5.19 15.59 19.60
N GLY B 44 4.30 15.11 18.74
CA GLY B 44 3.88 13.72 18.82
C GLY B 44 3.31 13.16 17.53
N MET B 45 3.33 11.83 17.48
CA MET B 45 2.73 11.04 16.43
C MET B 45 1.87 9.99 17.05
N ASN B 46 0.86 9.54 16.31
CA ASN B 46 0.07 8.41 16.73
C ASN B 46 1.01 7.23 16.99
N ASP B 47 0.80 6.53 18.09
CA ASP B 47 1.75 5.52 18.56
C ASP B 47 1.01 4.27 19.04
N THR B 48 -0.14 4.03 18.43
CA THR B 48 -0.96 2.86 18.78
C THR B 48 -0.34 1.54 18.30
N ASN B 49 0.41 1.56 17.20
CA ASN B 49 1.13 0.35 16.75
C ASN B 49 2.13 -0.16 17.75
N LYS B 50 2.90 0.75 18.33
CA LYS B 50 3.96 0.41 19.27
C LYS B 50 3.40 0.19 20.69
N SER B 51 2.44 1.00 21.13
CA SER B 51 1.93 0.83 22.48
C SER B 51 0.98 -0.35 22.68
N LEU B 52 0.36 -0.81 21.58
CA LEU B 52 -0.73 -1.82 21.60
C LEU B 52 -1.94 -1.48 22.49
N THR B 53 -2.25 -0.19 22.55
CA THR B 53 -3.44 0.32 23.20
C THR B 53 -4.13 1.21 22.19
N GLY B 54 -5.42 1.45 22.41
CA GLY B 54 -6.18 2.41 21.57
C GLY B 54 -5.96 3.89 21.86
N VAL B 55 -5.19 4.22 22.92
CA VAL B 55 -5.14 5.58 23.46
C VAL B 55 -3.85 6.39 23.29
N ALA B 56 -2.77 5.74 22.82
CA ALA B 56 -1.48 6.42 22.57
C ALA B 56 -1.53 7.26 21.31
N HIS B 57 -2.25 8.37 21.39
CA HIS B 57 -2.41 9.26 20.26
C HIS B 57 -1.30 10.29 20.29
N ALA B 58 -1.17 10.98 19.16
CA ALA B 58 -0.19 12.04 18.95
C ALA B 58 -0.07 12.95 20.14
N GLU B 59 -1.20 13.47 20.57
CA GLU B 59 -1.24 14.50 21.57
C GLU B 59 -0.76 13.97 22.90
N PHE B 60 -1.11 12.72 23.20
CA PHE B 60 -0.60 12.11 24.41
C PHE B 60 0.93 11.93 24.37
N MET B 61 1.47 11.71 23.18
CA MET B 61 2.93 11.60 23.06
C MET B 61 3.55 12.92 23.47
N GLY B 62 3.07 14.01 22.89
CA GLY B 62 3.54 15.35 23.20
C GLY B 62 3.48 15.59 24.68
N ILE B 63 2.32 15.32 25.28
CA ILE B 63 2.07 15.60 26.69
C ILE B 63 3.12 14.89 27.52
N ASP B 64 3.36 13.62 27.20
CA ASP B 64 4.41 12.83 27.87
C ASP B 64 5.76 13.52 27.79
N GLN B 65 6.10 14.08 26.62
CA GLN B 65 7.34 14.86 26.48
C GLN B 65 7.36 16.08 27.38
N ILE B 66 6.33 16.91 27.28
CA ILE B 66 6.25 18.13 28.08
C ILE B 66 6.43 17.79 29.56
N LYS B 67 5.87 16.66 29.99
CA LYS B 67 5.96 16.21 31.38
C LYS B 67 7.35 15.72 31.72
N ALA B 68 7.96 14.98 30.80
CA ALA B 68 9.35 14.58 30.99
C ALA B 68 10.21 15.82 31.23
N MET B 69 9.94 16.89 30.51
CA MET B 69 10.77 18.06 30.54
C MET B 69 10.47 19.02 31.69
N LEU B 70 9.21 19.20 32.08
CA LEU B 70 8.86 20.25 33.07
C LEU B 70 8.33 19.73 34.41
N GLY B 71 8.11 18.42 34.53
CA GLY B 71 7.32 17.90 35.65
C GLY B 71 5.83 18.21 35.51
N SER B 72 5.02 17.47 36.25
CA SER B 72 3.57 17.50 36.13
C SER B 72 2.99 18.88 36.41
N ARG B 73 3.44 19.46 37.51
CA ARG B 73 3.12 20.83 37.88
C ARG B 73 3.54 21.83 36.77
N GLY B 74 4.71 21.62 36.15
CA GLY B 74 5.15 22.41 35.01
C GLY B 74 4.20 22.31 33.82
N VAL B 75 3.71 21.08 33.57
CA VAL B 75 2.76 20.82 32.49
C VAL B 75 1.47 21.60 32.69
N VAL B 76 0.92 21.54 33.89
CA VAL B 76 -0.37 22.19 34.14
C VAL B 76 -0.25 23.72 34.12
N ASP B 77 0.89 24.23 34.59
CA ASP B 77 1.12 25.69 34.65
C ASP B 77 1.40 26.25 33.28
N VAL B 78 2.19 25.56 32.46
CA VAL B 78 2.50 26.04 31.09
C VAL B 78 1.36 25.86 30.07
N PHE B 79 0.45 24.95 30.34
CA PHE B 79 -0.41 24.42 29.29
C PHE B 79 -1.27 25.46 28.61
N LYS B 80 -1.72 26.48 29.34
CA LYS B 80 -2.61 27.51 28.74
C LYS B 80 -1.86 28.38 27.73
N ASP B 81 -0.54 28.39 27.85
CA ASP B 81 0.27 29.12 26.91
C ASP B 81 0.68 28.34 25.69
N ILE B 82 -0.04 27.26 25.39
CA ILE B 82 0.28 26.38 24.27
C ILE B 82 -0.77 26.51 23.19
N THR B 83 -0.31 26.70 21.95
CA THR B 83 -1.10 26.44 20.76
C THR B 83 -0.63 25.11 20.16
N LEU B 84 -1.59 24.17 20.04
CA LEU B 84 -1.36 22.86 19.42
C LEU B 84 -1.71 22.88 17.92
N TYR B 85 -0.75 22.43 17.11
CA TYR B 85 -0.93 22.29 15.67
C TYR B 85 -1.01 20.80 15.36
N VAL B 86 -2.10 20.34 14.76
CA VAL B 86 -2.27 18.92 14.50
C VAL B 86 -2.94 18.74 13.13
N THR B 87 -2.54 17.71 12.41
CA THR B 87 -3.02 17.54 11.04
C THR B 87 -4.49 17.19 11.00
N VAL B 88 -4.93 16.39 11.93
CA VAL B 88 -6.32 16.02 12.01
C VAL B 88 -6.88 16.47 13.35
N GLU B 89 -8.09 17.02 13.30
CA GLU B 89 -8.90 17.35 14.46
C GLU B 89 -8.71 16.32 15.61
N PRO B 90 -8.43 16.80 16.82
CA PRO B 90 -8.38 15.89 17.93
C PRO B 90 -9.66 15.09 18.08
N CYS B 91 -9.49 13.80 18.36
CA CYS B 91 -10.60 12.90 18.62
C CYS B 91 -11.25 13.31 19.90
N ILE B 92 -12.43 12.75 20.16
CA ILE B 92 -13.21 13.07 21.35
C ILE B 92 -12.35 12.93 22.62
N MET B 93 -11.56 11.86 22.68
CA MET B 93 -10.70 11.61 23.83
C MET B 93 -9.63 12.67 24.00
N CYS B 94 -8.87 12.93 22.95
CA CYS B 94 -7.78 13.88 23.00
C CYS B 94 -8.30 15.27 23.25
N ALA B 95 -9.34 15.61 22.52
CA ALA B 95 -10.01 16.87 22.70
C ALA B 95 -10.45 17.05 24.16
N SER B 96 -10.92 15.99 24.78
CA SER B 96 -11.25 16.06 26.22
C SER B 96 -9.96 16.24 27.06
N ALA B 97 -8.95 15.41 26.83
CA ALA B 97 -7.67 15.53 27.54
C ALA B 97 -7.06 16.96 27.51
N LEU B 98 -7.07 17.56 26.32
CA LEU B 98 -6.55 18.91 26.13
C LEU B 98 -7.39 19.93 26.90
N LYS B 99 -8.70 19.73 26.96
CA LYS B 99 -9.56 20.65 27.68
C LYS B 99 -9.27 20.62 29.18
N GLN B 100 -9.11 19.43 29.73
CA GLN B 100 -8.89 19.27 31.15
C GLN B 100 -7.49 19.76 31.59
N LEU B 101 -6.53 19.76 30.65
CA LEU B 101 -5.21 20.34 30.89
C LEU B 101 -5.18 21.85 30.55
N ASP B 102 -6.26 22.33 29.96
CA ASP B 102 -6.45 23.74 29.74
C ASP B 102 -5.51 24.25 28.65
N ILE B 103 -5.55 23.61 27.49
CA ILE B 103 -4.78 24.05 26.31
C ILE B 103 -5.30 25.43 25.96
N GLY B 104 -4.41 26.26 25.44
CA GLY B 104 -4.75 27.61 25.03
C GLY B 104 -5.51 27.66 23.75
N LYS B 105 -5.03 26.96 22.73
CA LYS B 105 -5.70 26.98 21.41
C LYS B 105 -5.39 25.70 20.66
N VAL B 106 -6.30 25.28 19.79
CA VAL B 106 -5.99 24.19 18.86
C VAL B 106 -6.09 24.77 17.48
N VAL B 107 -5.10 24.44 16.65
CA VAL B 107 -5.17 24.68 15.21
C VAL B 107 -4.95 23.35 14.51
N PHE B 108 -5.87 22.98 13.62
CA PHE B 108 -5.84 21.72 12.95
C PHE B 108 -6.12 21.79 11.47
N GLY B 109 -5.68 20.75 10.77
CA GLY B 109 -5.79 20.69 9.32
C GLY B 109 -7.18 20.30 8.85
N CYS B 110 -7.38 18.99 8.66
CA CYS B 110 -8.68 18.45 8.29
C CYS B 110 -9.50 17.94 9.48
N GLY B 111 -10.79 17.76 9.25
CA GLY B 111 -11.68 17.21 10.26
C GLY B 111 -11.50 15.70 10.39
N ASN B 112 -11.87 15.19 11.56
CA ASN B 112 -11.81 13.78 11.88
C ASN B 112 -13.24 13.23 11.79
N GLU B 113 -13.60 12.72 10.62
CA GLU B 113 -14.98 12.42 10.31
C GLU B 113 -15.60 11.36 11.20
N ARG B 114 -14.78 10.48 11.78
CA ARG B 114 -15.29 9.40 12.65
C ARG B 114 -15.35 9.73 14.14
N PHE B 115 -14.37 10.48 14.63
CA PHE B 115 -14.24 10.77 16.08
C PHE B 115 -14.07 12.25 16.44
N GLY B 116 -14.20 13.16 15.49
CA GLY B 116 -13.88 14.57 15.72
C GLY B 116 -14.48 15.08 17.01
N GLY B 117 -13.64 15.68 17.87
CA GLY B 117 -14.06 16.22 19.18
C GLY B 117 -13.96 17.73 19.31
N ASN B 118 -13.66 18.39 18.19
CA ASN B 118 -13.64 19.85 18.08
C ASN B 118 -14.64 20.38 17.02
N GLY B 119 -15.68 19.61 16.73
CA GLY B 119 -16.82 20.09 15.93
C GLY B 119 -17.58 19.02 15.18
N THR B 120 -16.86 18.08 14.57
CA THR B 120 -17.40 17.07 13.65
C THR B 120 -18.46 16.14 14.23
N VAL B 121 -18.12 15.47 15.33
CA VAL B 121 -19.03 14.57 16.05
C VAL B 121 -19.51 15.28 17.31
N LEU B 122 -18.59 15.77 18.13
CA LEU B 122 -18.90 16.51 19.35
C LEU B 122 -17.98 17.72 19.46
N SER B 123 -18.42 18.70 20.26
CA SER B 123 -17.66 19.92 20.44
C SER B 123 -17.23 19.98 21.87
N VAL B 124 -16.43 18.99 22.26
CA VAL B 124 -15.94 18.85 23.64
C VAL B 124 -15.28 20.14 24.13
N ASN B 125 -14.59 20.82 23.24
CA ASN B 125 -13.93 22.08 23.57
C ASN B 125 -14.88 23.26 24.01
N HIS B 126 -16.16 23.13 23.69
CA HIS B 126 -17.20 24.09 24.10
C HIS B 126 -18.35 23.43 24.84
N ASP B 127 -18.08 22.31 25.49
CA ASP B 127 -19.14 21.64 26.18
C ASP B 127 -19.32 22.19 27.58
N THR B 128 -20.29 21.58 28.28
CA THR B 128 -20.57 21.89 29.68
C THR B 128 -20.19 20.77 30.64
N CYS B 129 -19.87 19.58 30.13
CA CYS B 129 -19.58 18.45 31.02
C CYS B 129 -18.09 18.15 31.24
N THR B 130 -17.21 18.79 30.46
CA THR B 130 -15.79 18.58 30.55
C THR B 130 -15.16 19.85 31.13
N LEU B 131 -14.46 19.71 32.27
CA LEU B 131 -14.02 20.84 33.08
C LEU B 131 -12.52 20.90 33.28
N VAL B 132 -12.07 22.05 33.76
CA VAL B 132 -10.68 22.24 34.20
C VAL B 132 -10.64 22.10 35.73
N PRO B 133 -9.85 21.19 36.29
CA PRO B 133 -9.95 20.94 37.75
C PRO B 133 -9.51 22.12 38.64
N LYS B 134 -8.64 22.96 38.09
CA LYS B 134 -8.19 24.20 38.72
C LYS B 134 -9.36 25.00 39.28
N ASN B 135 -10.35 25.23 38.43
CA ASN B 135 -11.51 26.05 38.78
C ASN B 135 -12.88 25.56 38.34
N ASN B 136 -12.95 24.36 37.78
CA ASN B 136 -14.18 23.80 37.24
C ASN B 136 -14.88 24.57 36.10
N SER B 137 -14.11 25.38 35.37
CA SER B 137 -14.67 26.13 34.27
C SER B 137 -14.82 25.21 33.09
N ALA B 138 -15.88 25.41 32.33
CA ALA B 138 -16.13 24.62 31.12
C ALA B 138 -15.91 25.42 29.85
N ALA B 139 -15.20 26.55 29.94
CA ALA B 139 -15.22 27.50 28.85
C ALA B 139 -14.46 26.97 27.67
N GLY B 140 -13.35 26.31 27.94
CA GLY B 140 -12.64 25.53 26.93
C GLY B 140 -11.72 26.34 26.02
N TYR B 141 -11.65 25.94 24.75
CA TYR B 141 -10.69 26.49 23.84
C TYR B 141 -11.24 26.61 22.41
N GLU B 142 -10.60 27.48 21.64
CA GLU B 142 -10.88 27.64 20.22
C GLU B 142 -10.18 26.53 19.44
N SER B 143 -10.90 26.00 18.46
CA SER B 143 -10.31 25.09 17.49
C SER B 143 -10.42 25.67 16.09
N ILE B 144 -9.27 25.94 15.47
CA ILE B 144 -9.20 26.56 14.14
C ILE B 144 -8.98 25.52 13.05
N PRO B 145 -9.97 25.31 12.14
CA PRO B 145 -9.83 24.31 11.06
C PRO B 145 -9.07 24.76 9.82
N GLY B 146 -8.86 23.84 8.91
CA GLY B 146 -8.58 24.18 7.52
C GLY B 146 -7.19 24.60 7.11
N ILE B 147 -6.26 24.68 8.05
CA ILE B 147 -4.90 25.11 7.73
C ILE B 147 -4.14 23.89 7.17
N LEU B 148 -3.72 23.96 5.90
CA LEU B 148 -3.23 22.81 5.13
C LEU B 148 -4.19 21.65 5.20
N ARG B 149 -5.48 21.94 5.10
CA ARG B 149 -6.49 20.90 5.21
C ARG B 149 -6.37 19.83 4.14
N LYS B 150 -6.05 20.23 2.93
CA LYS B 150 -6.00 19.27 1.85
C LYS B 150 -4.76 18.39 1.90
N GLU B 151 -3.66 18.93 2.38
CA GLU B 151 -2.48 18.11 2.59
C GLU B 151 -2.80 16.98 3.60
N ALA B 152 -3.49 17.34 4.68
CA ALA B 152 -3.85 16.35 5.70
C ALA B 152 -4.78 15.28 5.16
N ILE B 153 -5.73 15.72 4.32
CA ILE B 153 -6.65 14.79 3.70
C ILE B 153 -5.89 13.86 2.80
N MET B 154 -5.01 14.42 1.98
CA MET B 154 -4.24 13.63 1.05
C MET B 154 -3.45 12.58 1.75
N LEU B 155 -2.75 12.99 2.78
CA LEU B 155 -1.94 12.09 3.62
C LEU B 155 -2.77 10.97 4.25
N LEU B 156 -3.98 11.28 4.69
CA LEU B 156 -4.91 10.26 5.19
C LEU B 156 -5.37 9.26 4.10
N ARG B 157 -5.55 9.75 2.87
CA ARG B 157 -5.88 8.92 1.70
C ARG B 157 -4.72 7.99 1.31
N TYR B 158 -3.49 8.50 1.33
CA TYR B 158 -2.32 7.65 1.16
C TYR B 158 -2.32 6.56 2.20
N PHE B 159 -2.62 6.94 3.44
CA PHE B 159 -2.71 5.94 4.51
C PHE B 159 -3.77 4.85 4.29
N TYR B 160 -4.97 5.22 3.84
CA TYR B 160 -6.01 4.19 3.62
C TYR B 160 -5.61 3.16 2.57
N VAL B 161 -5.06 3.63 1.47
CA VAL B 161 -4.50 2.76 0.44
C VAL B 161 -3.36 1.87 0.99
N ARG B 162 -2.36 2.48 1.63
CA ARG B 162 -1.24 1.70 2.17
C ARG B 162 -1.73 0.65 3.13
N GLN B 163 -2.66 1.04 4.01
CA GLN B 163 -3.24 0.17 5.02
C GLN B 163 -4.08 -0.98 4.37
N ASN B 164 -4.63 -0.75 3.18
CA ASN B 164 -5.25 -1.83 2.38
C ASN B 164 -4.32 -2.90 1.82
N GLU B 165 -3.02 -2.63 1.67
CA GLU B 165 -2.02 -3.68 1.27
C GLU B 165 -1.25 -4.23 2.49
N VAL B 177 -8.96 3.96 -7.05
CA VAL B 177 -8.81 3.91 -5.60
C VAL B 177 -8.25 5.22 -4.99
N LEU B 178 -7.19 5.81 -5.56
CA LEU B 178 -6.62 7.06 -5.04
C LEU B 178 -7.22 8.33 -5.67
N ASP B 179 -7.94 9.10 -4.86
CA ASP B 179 -8.51 10.38 -5.29
C ASP B 179 -7.52 11.52 -5.01
N LYS B 180 -7.21 12.29 -6.06
CA LYS B 180 -6.31 13.47 -5.95
C LYS B 180 -6.95 14.76 -6.49
N ASN B 181 -8.27 14.74 -6.70
CA ASN B 181 -8.95 15.85 -7.34
C ASN B 181 -10.08 16.43 -6.51
N THR B 182 -10.96 15.55 -6.00
CA THR B 182 -12.13 15.99 -5.22
C THR B 182 -11.88 16.04 -3.68
N PHE B 183 -12.39 17.11 -3.05
CA PHE B 183 -12.38 17.27 -1.61
C PHE B 183 -13.76 17.65 -1.05
N PRO B 184 -14.20 17.01 0.07
CA PRO B 184 -15.56 17.23 0.55
C PRO B 184 -15.84 18.67 1.00
N PRO B 185 -17.13 19.09 0.97
CA PRO B 185 -17.46 20.43 1.46
C PRO B 185 -17.20 20.55 2.96
N MET B 186 -16.39 21.53 3.36
CA MET B 186 -16.13 21.70 4.79
C MET B 186 -17.10 22.65 5.46
N GLU B 187 -17.94 22.11 6.34
CA GLU B 187 -18.80 22.94 7.22
C GLU B 187 -17.95 23.70 8.25
N TRP B 188 -17.41 24.85 7.82
CA TRP B 188 -16.69 25.80 8.67
C TRP B 188 -17.41 26.19 9.95
N SER B 189 -18.73 26.35 9.85
CA SER B 189 -19.61 26.77 10.96
C SER B 189 -19.69 25.78 12.13
N LYS B 190 -19.46 24.49 11.85
CA LYS B 190 -19.36 23.47 12.91
C LYS B 190 -18.20 23.67 13.87
N TYR B 191 -17.19 24.43 13.48
CA TYR B 191 -15.99 24.57 14.29
C TYR B 191 -15.72 25.98 14.84
N LEU B 192 -16.35 26.98 14.22
CA LEU B 192 -16.21 28.35 14.68
C LEU B 192 -17.27 29.21 14.05
N ASN B 193 -17.51 30.35 14.69
CA ASN B 193 -18.48 31.34 14.24
C ASN B 193 -17.77 32.34 13.31
N GLU B 194 -18.56 33.20 12.67
CA GLU B 194 -18.00 34.20 11.75
C GLU B 194 -17.05 35.22 12.38
N GLU B 195 -17.33 35.63 13.60
CA GLU B 195 -16.56 36.71 14.23
C GLU B 195 -15.11 36.29 14.52
N ALA B 196 -14.90 35.05 14.97
CA ALA B 196 -13.56 34.45 15.17
C ALA B 196 -12.96 33.84 13.89
N PHE B 197 -13.82 33.56 12.89
CA PHE B 197 -13.34 33.26 11.55
C PHE B 197 -12.68 34.49 10.94
N ILE B 198 -13.49 35.55 10.77
CA ILE B 198 -13.05 36.81 10.17
C ILE B 198 -11.98 37.46 11.05
N GLU B 199 -12.03 37.20 12.35
CA GLU B 199 -10.91 37.52 13.26
C GLU B 199 -9.66 36.64 13.07
N THR B 200 -9.85 35.41 12.55
CA THR B 200 -8.76 34.46 12.30
C THR B 200 -8.05 34.78 10.98
N PHE B 201 -8.83 34.95 9.92
CA PHE B 201 -8.31 35.19 8.57
C PHE B 201 -8.53 36.65 8.07
N GLY B 202 -9.75 36.97 7.65
CA GLY B 202 -10.08 38.26 7.04
C GLY B 202 -11.21 38.15 6.05
N ASP B 203 -11.56 39.28 5.43
CA ASP B 203 -12.72 39.35 4.54
C ASP B 203 -12.51 38.61 3.22
N ASP B 204 -11.31 38.72 2.66
CA ASP B 204 -10.93 38.07 1.41
C ASP B 204 -11.17 36.55 1.44
N TYR B 205 -10.96 35.94 2.62
CA TYR B 205 -11.30 34.54 2.89
C TYR B 205 -12.71 34.39 3.47
N ARG B 206 -13.24 35.44 4.12
CA ARG B 206 -14.66 35.52 4.56
C ARG B 206 -15.71 35.18 3.50
N THR B 207 -15.35 35.21 2.22
CA THR B 207 -16.24 34.64 1.20
C THR B 207 -16.43 33.13 1.40
N CYS B 208 -15.34 32.36 1.42
CA CYS B 208 -15.39 30.89 1.38
C CYS B 208 -15.89 30.18 2.66
N PHE B 209 -16.00 30.91 3.78
CA PHE B 209 -16.72 30.46 5.00
C PHE B 209 -18.15 29.98 4.74
N ALA B 210 -18.93 30.81 4.03
CA ALA B 210 -20.28 30.44 3.60
C ALA B 210 -20.50 30.42 2.09
N ASN B 211 -19.76 31.25 1.31
CA ASN B 211 -19.92 31.37 -0.18
C ASN B 211 -19.97 30.03 -0.91
N LYS B 212 -19.31 29.09 -0.28
CA LYS B 212 -19.69 27.68 -0.32
C LYS B 212 -19.07 27.07 0.93
N VAL B 213 -19.24 25.76 1.10
CA VAL B 213 -18.39 25.02 2.01
C VAL B 213 -17.08 24.81 1.24
N ASP B 214 -16.20 25.81 1.22
CA ASP B 214 -15.01 25.80 0.34
C ASP B 214 -13.77 26.31 1.08
N LEU B 215 -12.61 25.86 0.62
CA LEU B 215 -11.35 25.94 1.37
C LEU B 215 -10.66 27.33 1.33
N SER B 216 -9.58 27.49 2.07
CA SER B 216 -8.73 28.71 2.05
C SER B 216 -7.62 28.77 0.96
N SER B 217 -7.66 27.87 -0.02
CA SER B 217 -6.52 27.64 -0.92
C SER B 217 -6.94 26.98 -2.22
N ASN B 218 -6.03 26.98 -3.20
CA ASN B 218 -6.32 26.43 -4.53
C ASN B 218 -5.33 25.49 -5.19
N SER B 219 -4.28 25.04 -4.49
CA SER B 219 -3.51 23.90 -5.00
C SER B 219 -2.68 23.19 -3.97
N VAL B 220 -2.60 21.86 -4.12
CA VAL B 220 -2.03 21.00 -3.07
C VAL B 220 -0.53 20.95 -3.14
N ASP B 221 0.12 21.10 -1.99
CA ASP B 221 1.57 21.15 -1.87
C ASP B 221 2.06 19.69 -1.95
N TRP B 222 2.06 19.19 -3.19
CA TRP B 222 2.45 17.81 -3.45
C TRP B 222 3.90 17.57 -3.01
N ASP B 223 4.80 18.53 -3.20
CA ASP B 223 6.19 18.33 -2.77
C ASP B 223 6.27 18.01 -1.28
N LEU B 224 5.45 18.72 -0.48
CA LEU B 224 5.49 18.60 0.99
C LEU B 224 5.04 17.24 1.47
N ILE B 225 3.92 16.79 0.94
CA ILE B 225 3.34 15.50 1.28
C ILE B 225 3.96 14.29 0.57
N ASP B 226 4.54 14.48 -0.61
CA ASP B 226 5.14 13.34 -1.36
C ASP B 226 6.62 13.15 -1.05
N SER B 227 7.33 14.18 -0.58
CA SER B 227 8.73 14.02 -0.15
C SER B 227 8.82 13.33 1.18
N HIS B 228 9.79 12.45 1.33
CA HIS B 228 10.11 11.91 2.64
C HIS B 228 10.74 13.01 3.52
N GLN B 229 10.53 12.91 4.83
CA GLN B 229 10.95 13.93 5.79
C GLN B 229 11.80 13.31 6.88
N ASP B 230 12.88 12.66 6.48
CA ASP B 230 13.65 11.87 7.43
C ASP B 230 14.36 12.72 8.46
N ASN B 231 14.69 13.96 8.11
CA ASN B 231 15.42 14.78 9.06
C ASN B 231 14.51 15.58 10.00
N ILE B 232 13.20 15.29 10.02
CA ILE B 232 12.27 16.06 10.86
C ILE B 232 12.41 15.79 12.37
N ILE B 233 12.68 14.55 12.74
CA ILE B 233 12.86 14.22 14.15
C ILE B 233 14.06 14.99 14.72
N GLN B 234 15.18 14.89 14.01
CA GLN B 234 16.41 15.61 14.37
C GLN B 234 16.11 17.07 14.62
N GLU B 235 15.53 17.71 13.62
CA GLU B 235 15.11 19.11 13.71
C GLU B 235 14.30 19.37 14.98
N LEU B 236 13.18 18.66 15.10
CA LEU B 236 12.28 18.90 16.23
C LEU B 236 12.94 18.63 17.59
N GLU B 237 13.74 17.56 17.68
CA GLU B 237 14.50 17.26 18.90
C GLU B 237 15.36 18.44 19.30
N GLU B 238 16.10 19.00 18.33
CA GLU B 238 16.97 20.14 18.58
C GLU B 238 16.14 21.35 19.02
N GLN B 239 15.07 21.67 18.28
CA GLN B 239 14.18 22.75 18.68
C GLN B 239 13.64 22.62 20.11
N CYS B 240 13.32 21.38 20.51
CA CYS B 240 12.86 21.07 21.86
C CYS B 240 13.95 21.31 22.86
N LYS B 241 15.15 20.81 22.58
CA LYS B 241 16.31 21.05 23.48
C LYS B 241 16.55 22.54 23.65
N MET B 242 16.35 23.29 22.57
CA MET B 242 16.51 24.74 22.62
C MET B 242 15.49 25.39 23.53
N PHE B 243 14.24 24.94 23.44
CA PHE B 243 13.18 25.46 24.32
C PHE B 243 13.45 25.09 25.76
N LYS B 244 13.90 23.86 25.95
CA LYS B 244 14.17 23.34 27.27
C LYS B 244 15.16 24.23 28.00
N PHE B 245 16.25 24.58 27.33
CA PHE B 245 17.27 25.44 27.94
C PHE B 245 16.88 26.91 28.03
N ASN B 246 16.19 27.46 27.03
CA ASN B 246 15.62 28.81 27.15
C ASN B 246 14.55 28.92 28.26
N VAL B 247 14.09 27.77 28.77
CA VAL B 247 13.15 27.73 29.91
C VAL B 247 13.88 28.07 31.22
N PRO C 14 4.50 4.80 -50.57
CA PRO C 14 5.87 5.27 -50.87
C PRO C 14 6.88 4.15 -51.17
N LEU C 15 7.03 3.21 -50.23
CA LEU C 15 8.10 2.17 -50.27
C LEU C 15 7.71 0.86 -50.97
N LYS C 16 8.58 0.32 -51.82
CA LYS C 16 8.41 -1.03 -52.33
C LYS C 16 8.45 -2.04 -51.17
N ILE C 17 7.33 -2.75 -50.96
CA ILE C 17 7.23 -3.80 -49.94
C ILE C 17 7.04 -5.14 -50.62
N ASP C 18 7.88 -6.10 -50.31
CA ASP C 18 7.66 -7.50 -50.70
C ASP C 18 6.96 -8.18 -49.51
N TYR C 19 5.61 -8.16 -49.54
CA TYR C 19 4.77 -8.77 -48.49
C TYR C 19 5.01 -10.28 -48.36
N GLN C 20 5.45 -10.90 -49.45
CA GLN C 20 5.79 -12.31 -49.46
C GLN C 20 6.83 -12.66 -48.41
N ASN C 21 7.92 -11.89 -48.39
CA ASN C 21 9.10 -12.16 -47.54
C ASN C 21 9.41 -11.10 -46.47
N GLY C 22 8.68 -9.99 -46.46
CA GLY C 22 8.91 -8.90 -45.51
C GLY C 22 10.24 -8.21 -45.75
N ILE C 23 10.42 -7.81 -47.00
CA ILE C 23 11.60 -7.13 -47.45
C ILE C 23 11.13 -5.79 -47.98
N ILE C 24 11.70 -4.73 -47.43
CA ILE C 24 11.36 -3.40 -47.83
C ILE C 24 12.47 -2.88 -48.72
N GLU C 25 12.07 -2.34 -49.87
CA GLU C 25 12.99 -1.73 -50.87
C GLU C 25 14.17 -2.62 -51.25
N ASN C 26 13.91 -3.92 -51.41
CA ASN C 26 14.96 -4.92 -51.69
C ASN C 26 16.14 -5.00 -50.73
N ARG C 27 16.04 -4.37 -49.54
CA ARG C 27 17.22 -4.18 -48.66
C ARG C 27 16.99 -4.38 -47.18
N LEU C 28 15.83 -4.00 -46.68
CA LEU C 28 15.51 -4.12 -45.27
C LEU C 28 14.64 -5.34 -45.07
N LEU C 29 15.21 -6.36 -44.43
CA LEU C 29 14.50 -7.59 -44.07
C LEU C 29 13.90 -7.48 -42.67
N GLN C 30 12.58 -7.45 -42.58
CA GLN C 30 11.86 -7.37 -41.33
C GLN C 30 12.18 -8.55 -40.47
N ILE C 31 12.50 -8.30 -39.20
CA ILE C 31 12.85 -9.34 -38.24
C ILE C 31 11.78 -9.42 -37.18
N ARG C 32 11.18 -10.60 -37.08
CA ARG C 32 10.08 -10.86 -36.16
C ARG C 32 10.00 -12.38 -36.03
N ASN C 33 9.05 -12.86 -35.23
CA ASN C 33 8.92 -14.27 -34.89
C ASN C 33 7.71 -14.92 -35.55
N PHE C 34 7.85 -16.16 -36.03
CA PHE C 34 6.71 -16.95 -36.63
C PHE C 34 6.21 -18.12 -35.78
N LYS C 35 7.13 -18.84 -35.15
CA LYS C 35 6.77 -19.86 -34.17
C LYS C 35 5.68 -19.36 -33.20
N ASP C 36 5.98 -18.27 -32.51
CA ASP C 36 5.08 -17.71 -31.48
C ASP C 36 3.78 -17.10 -32.03
N VAL C 37 3.75 -16.69 -33.30
CA VAL C 37 2.49 -16.22 -33.95
C VAL C 37 1.45 -17.33 -34.21
N ASN C 38 1.85 -18.61 -34.10
CA ASN C 38 0.91 -19.76 -34.13
C ASN C 38 0.03 -19.92 -32.87
N THR C 39 0.60 -19.75 -31.68
CA THR C 39 -0.15 -19.92 -30.40
C THR C 39 -0.96 -18.66 -30.01
N PRO C 40 -2.07 -18.81 -29.26
CA PRO C 40 -2.85 -17.65 -28.77
C PRO C 40 -2.58 -17.27 -27.32
N LYS C 41 -2.36 -15.99 -27.04
CA LYS C 41 -2.18 -15.48 -25.66
C LYS C 41 -3.41 -14.73 -25.11
N LEU C 42 -4.24 -15.49 -24.38
CA LEU C 42 -5.61 -15.11 -24.04
C LEU C 42 -5.78 -14.00 -22.95
N ILE C 43 -7.04 -13.62 -22.73
CA ILE C 43 -7.48 -12.72 -21.63
C ILE C 43 -8.83 -13.29 -21.12
N ASN C 44 -9.35 -12.77 -20.01
CA ASN C 44 -10.73 -13.06 -19.58
C ASN C 44 -11.75 -12.13 -20.24
N VAL C 45 -12.96 -12.65 -20.43
CA VAL C 45 -14.08 -11.90 -21.01
C VAL C 45 -14.79 -11.00 -19.98
N TRP C 46 -14.40 -9.72 -19.92
CA TRP C 46 -15.09 -8.67 -19.13
C TRP C 46 -16.38 -8.23 -19.86
N SER C 47 -17.36 -9.13 -19.88
CA SER C 47 -18.51 -9.07 -20.79
C SER C 47 -19.59 -8.02 -20.43
N ILE C 48 -20.67 -8.03 -21.22
CA ILE C 48 -21.90 -7.27 -20.93
C ILE C 48 -23.05 -7.89 -21.72
N ARG C 49 -24.20 -8.01 -21.06
CA ARG C 49 -25.37 -8.70 -21.59
C ARG C 49 -26.47 -7.66 -21.67
N ILE C 50 -27.13 -7.58 -22.82
CA ILE C 50 -28.18 -6.59 -23.07
C ILE C 50 -29.01 -7.05 -24.26
N ASP C 51 -30.01 -6.26 -24.63
CA ASP C 51 -30.83 -6.52 -25.83
C ASP C 51 -30.55 -5.41 -26.88
N PRO C 52 -30.74 -5.72 -28.19
CA PRO C 52 -30.27 -4.88 -29.32
C PRO C 52 -30.47 -3.36 -29.27
N ARG C 53 -31.59 -2.89 -28.68
CA ARG C 53 -31.87 -1.45 -28.56
C ARG C 53 -30.81 -0.71 -27.74
N ASP C 54 -30.43 -1.31 -26.60
CA ASP C 54 -29.30 -0.85 -25.78
C ASP C 54 -27.93 -0.95 -26.50
N SER C 55 -27.74 -2.04 -27.25
CA SER C 55 -26.52 -2.33 -28.06
C SER C 55 -25.96 -1.15 -28.86
N LYS C 56 -26.82 -0.51 -29.65
CA LYS C 56 -26.42 0.64 -30.47
C LYS C 56 -25.93 1.86 -29.63
N LYS C 57 -26.49 2.06 -28.44
CA LYS C 57 -26.12 3.17 -27.55
C LYS C 57 -24.82 2.89 -26.79
N VAL C 58 -24.67 1.64 -26.34
CA VAL C 58 -23.48 1.18 -25.62
C VAL C 58 -22.24 1.13 -26.54
N ILE C 59 -22.44 0.62 -27.76
CA ILE C 59 -21.38 0.49 -28.78
C ILE C 59 -20.82 1.86 -29.18
N GLU C 60 -21.62 2.92 -29.07
CA GLU C 60 -21.13 4.29 -29.21
C GLU C 60 -20.21 4.68 -28.05
N LEU C 61 -20.71 4.50 -26.82
CA LEU C 61 -19.95 4.82 -25.59
C LEU C 61 -18.65 4.03 -25.46
N ILE C 62 -18.78 2.70 -25.53
CA ILE C 62 -17.63 1.78 -25.51
C ILE C 62 -16.75 1.87 -26.76
N ARG C 63 -17.28 2.43 -27.86
CA ARG C 63 -16.47 2.78 -29.02
C ARG C 63 -15.48 3.91 -28.73
N ASN C 64 -15.99 5.13 -28.51
CA ASN C 64 -15.12 6.31 -28.38
C ASN C 64 -14.11 6.28 -27.22
N ASP C 65 -14.52 5.88 -26.01
CA ASP C 65 -13.57 5.78 -24.88
C ASP C 65 -12.81 4.45 -24.85
N PHE C 66 -13.54 3.34 -24.88
CA PHE C 66 -12.94 2.02 -24.66
C PHE C 66 -11.89 1.65 -25.72
N GLN C 67 -12.10 2.07 -26.97
CA GLN C 67 -11.05 1.97 -28.01
C GLN C 67 -9.97 3.06 -27.81
N LYS C 68 -10.40 4.31 -27.60
CA LYS C 68 -9.47 5.45 -27.50
C LYS C 68 -8.57 5.41 -26.26
N ASN C 69 -9.01 4.77 -25.18
CA ASN C 69 -8.30 4.78 -23.89
C ASN C 69 -7.57 3.48 -23.49
N ASP C 70 -8.02 2.31 -23.96
CA ASP C 70 -7.40 1.03 -23.53
C ASP C 70 -5.96 0.89 -24.07
N PRO C 71 -5.00 0.65 -23.17
CA PRO C 71 -3.60 0.35 -23.48
C PRO C 71 -3.42 -0.89 -24.37
N VAL C 72 -4.33 -1.86 -24.22
CA VAL C 72 -4.41 -3.01 -25.14
C VAL C 72 -5.11 -2.57 -26.45
N SER C 73 -4.75 -3.21 -27.57
CA SER C 73 -5.39 -2.96 -28.89
C SER C 73 -6.38 -4.09 -29.25
N LEU C 74 -7.68 -3.81 -29.04
CA LEU C 74 -8.76 -4.81 -29.14
C LEU C 74 -9.60 -4.66 -30.44
N ARG C 75 -8.95 -4.11 -31.47
CA ARG C 75 -9.60 -3.73 -32.73
C ARG C 75 -9.81 -4.94 -33.64
N HIS C 76 -9.22 -6.06 -33.27
CA HIS C 76 -9.32 -7.32 -34.01
C HIS C 76 -10.47 -8.14 -33.44
N LEU C 77 -11.13 -7.63 -32.40
CA LEU C 77 -12.26 -8.34 -31.76
C LEU C 77 -13.56 -7.89 -32.37
N LYS C 78 -14.37 -8.85 -32.79
CA LYS C 78 -15.72 -8.58 -33.29
C LYS C 78 -16.66 -8.43 -32.08
N ARG C 79 -16.71 -7.21 -31.56
CA ARG C 79 -17.27 -6.92 -30.22
C ARG C 79 -18.74 -7.26 -29.95
N ILE C 80 -19.53 -7.58 -30.99
CA ILE C 80 -20.90 -8.06 -30.84
C ILE C 80 -20.85 -9.54 -30.48
N GLU C 90 -23.45 -9.90 -24.94
CA GLU C 90 -22.44 -10.37 -25.91
C GLU C 90 -21.55 -9.20 -26.42
N VAL C 91 -21.06 -8.40 -25.47
CA VAL C 91 -20.26 -7.22 -25.75
C VAL C 91 -19.39 -6.89 -24.54
N VAL C 92 -18.17 -6.41 -24.77
CA VAL C 92 -17.23 -6.10 -23.68
C VAL C 92 -16.50 -4.80 -23.93
N LEU C 93 -16.70 -3.82 -23.05
CA LEU C 93 -16.10 -2.49 -23.23
C LEU C 93 -14.58 -2.56 -23.32
N CYS C 94 -13.92 -3.33 -22.42
CA CYS C 94 -12.44 -3.42 -22.38
C CYS C 94 -11.85 -4.43 -21.37
N ASP C 101 -13.55 -0.25 -12.00
CA ASP C 101 -15.00 -0.39 -11.94
C ASP C 101 -15.75 0.95 -11.91
N GLU C 102 -15.21 1.90 -11.12
CA GLU C 102 -15.81 3.22 -10.89
C GLU C 102 -16.15 3.97 -12.18
N GLY C 103 -15.12 4.30 -12.97
CA GLY C 103 -15.30 5.01 -14.25
C GLY C 103 -16.11 4.24 -15.29
N GLU C 104 -16.13 2.91 -15.17
CA GLU C 104 -16.88 2.01 -16.05
C GLU C 104 -18.39 2.13 -15.86
N ILE C 105 -18.87 1.99 -14.63
CA ILE C 105 -20.32 2.05 -14.37
C ILE C 105 -20.86 3.49 -14.28
N ASN C 106 -19.98 4.48 -14.07
CA ASN C 106 -20.34 5.91 -14.17
C ASN C 106 -20.76 6.29 -15.60
N ASN C 107 -19.90 5.99 -16.57
CA ASN C 107 -20.26 6.12 -17.99
C ASN C 107 -21.45 5.21 -18.34
N LYS C 108 -21.41 3.96 -17.83
CA LYS C 108 -22.52 2.99 -17.99
C LYS C 108 -23.84 3.38 -17.31
N LEU C 109 -23.85 4.50 -16.57
CA LEU C 109 -25.08 5.09 -16.02
C LEU C 109 -26.08 5.59 -17.09
N LYS C 110 -25.61 5.78 -18.33
CA LYS C 110 -26.48 6.15 -19.46
C LYS C 110 -27.65 5.17 -19.70
N SER C 111 -27.39 3.87 -19.54
CA SER C 111 -28.44 2.83 -19.64
C SER C 111 -28.80 2.35 -18.23
N PRO C 128 -7.14 -13.29 -26.94
CA PRO C 128 -6.02 -13.06 -27.82
C PRO C 128 -5.73 -11.59 -27.69
N GLU C 129 -4.83 -11.29 -26.76
CA GLU C 129 -4.12 -10.00 -26.76
C GLU C 129 -3.78 -9.62 -28.22
N PHE C 130 -3.55 -10.66 -29.06
CA PHE C 130 -3.09 -10.49 -30.44
C PHE C 130 -3.84 -11.27 -31.53
N ALA C 131 -4.04 -10.58 -32.66
CA ALA C 131 -4.72 -11.14 -33.83
C ALA C 131 -3.98 -12.36 -34.37
N PRO C 132 -4.70 -13.30 -34.99
CA PRO C 132 -4.02 -14.40 -35.67
C PRO C 132 -3.53 -14.04 -37.09
N SER C 133 -2.68 -14.90 -37.63
CA SER C 133 -2.08 -14.70 -38.96
C SER C 133 -2.82 -15.39 -40.11
N THR C 134 -3.57 -16.46 -39.85
CA THR C 134 -4.33 -17.19 -40.90
C THR C 134 -5.84 -17.09 -40.70
N LYS C 135 -6.58 -17.16 -41.81
CA LYS C 135 -8.06 -17.14 -41.77
C LYS C 135 -8.57 -18.31 -40.96
N GLU C 136 -7.95 -19.46 -41.19
CA GLU C 136 -8.25 -20.68 -40.43
C GLU C 136 -8.05 -20.41 -38.94
N LEU C 137 -6.90 -19.87 -38.58
CA LEU C 137 -6.63 -19.50 -37.19
C LEU C 137 -7.65 -18.48 -36.68
N ASN C 138 -8.10 -17.57 -37.55
CA ASN C 138 -9.12 -16.58 -37.19
C ASN C 138 -10.48 -17.20 -36.87
N ASN C 139 -10.94 -18.12 -37.71
CA ASN C 139 -12.21 -18.84 -37.49
C ASN C 139 -12.21 -19.70 -36.22
N ALA C 140 -11.15 -20.46 -36.04
CA ALA C 140 -10.94 -21.32 -34.88
C ALA C 140 -10.88 -20.53 -33.57
N TRP C 141 -10.11 -19.44 -33.57
CA TRP C 141 -10.02 -18.57 -32.38
C TRP C 141 -11.36 -17.86 -32.15
N SER C 142 -12.10 -17.59 -33.24
CA SER C 142 -13.44 -16.98 -33.18
C SER C 142 -14.35 -17.81 -32.29
N VAL C 143 -14.34 -19.12 -32.56
CA VAL C 143 -15.16 -20.06 -31.81
C VAL C 143 -14.54 -20.48 -30.45
N LYS C 144 -13.22 -20.55 -30.37
CA LYS C 144 -12.53 -20.94 -29.12
C LYS C 144 -12.69 -19.89 -28.03
N TYR C 145 -12.50 -18.62 -28.37
CA TYR C 145 -12.51 -17.55 -27.35
C TYR C 145 -13.47 -16.37 -27.62
N TRP C 146 -13.50 -15.85 -28.86
CA TRP C 146 -14.44 -14.76 -29.26
C TRP C 146 -14.37 -14.53 -30.75
N PRO C 147 -15.52 -14.32 -31.44
CA PRO C 147 -15.38 -13.78 -32.79
C PRO C 147 -14.38 -12.63 -32.98
N LEU C 148 -13.58 -12.75 -34.04
CA LEU C 148 -12.57 -11.76 -34.43
C LEU C 148 -12.86 -11.27 -35.84
N ILE C 149 -12.40 -10.06 -36.14
CA ILE C 149 -12.47 -9.50 -37.48
C ILE C 149 -11.20 -9.90 -38.22
N TRP C 150 -11.37 -10.67 -39.29
CA TRP C 150 -10.29 -11.04 -40.19
C TRP C 150 -10.07 -9.98 -41.25
N ASN C 151 -8.87 -9.41 -41.31
CA ASN C 151 -8.52 -8.41 -42.33
C ASN C 151 -7.18 -8.71 -42.99
N GLY C 152 -7.00 -9.95 -43.41
CA GLY C 152 -5.71 -10.39 -43.93
C GLY C 152 -4.67 -10.63 -42.84
N ASN C 153 -3.46 -10.91 -43.28
CA ASN C 153 -2.34 -11.08 -42.37
C ASN C 153 -2.09 -9.74 -41.63
N PRO C 154 -2.10 -9.76 -40.28
CA PRO C 154 -1.88 -8.47 -39.61
C PRO C 154 -0.48 -7.93 -39.80
N ASN C 155 0.45 -8.80 -40.23
CA ASN C 155 1.79 -8.40 -40.58
C ASN C 155 1.85 -7.53 -41.84
N ASP C 156 0.82 -7.60 -42.68
CA ASP C 156 0.73 -6.76 -43.86
C ASP C 156 0.47 -5.32 -43.44
N GLN C 157 -0.45 -5.11 -42.50
CA GLN C 157 -0.65 -3.79 -41.96
C GLN C 157 0.60 -3.24 -41.22
N ILE C 158 1.38 -4.12 -40.59
CA ILE C 158 2.60 -3.71 -39.88
C ILE C 158 3.64 -3.21 -40.89
N LEU C 159 3.91 -4.01 -41.92
CA LEU C 159 4.85 -3.64 -42.98
C LEU C 159 4.48 -2.33 -43.65
N ASN C 160 3.18 -2.12 -43.84
CA ASN C 160 2.66 -0.91 -44.48
C ASN C 160 2.86 0.34 -43.60
N ASP C 161 2.59 0.20 -42.31
CA ASP C 161 2.74 1.31 -41.35
C ASP C 161 4.21 1.67 -40.99
N TYR C 162 5.16 0.80 -41.33
CA TYR C 162 6.57 1.13 -41.14
C TYR C 162 6.94 2.42 -41.86
N LYS C 163 7.10 3.50 -41.09
CA LYS C 163 7.55 4.81 -41.58
C LYS C 163 9.10 4.80 -41.60
N ILE C 164 9.68 4.68 -42.79
CA ILE C 164 11.12 4.55 -42.96
C ILE C 164 11.71 5.59 -43.95
N ASP C 165 12.81 6.24 -43.55
CA ASP C 165 13.57 7.14 -44.39
C ASP C 165 14.75 6.38 -44.94
N MET C 166 14.59 5.94 -46.17
CA MET C 166 15.55 5.07 -46.78
C MET C 166 16.95 5.67 -46.81
N GLN C 167 17.09 6.97 -47.06
CA GLN C 167 18.43 7.60 -47.15
C GLN C 167 19.15 7.76 -45.79
N GLU C 168 18.38 8.09 -44.75
CA GLU C 168 18.87 8.14 -43.38
C GLU C 168 19.45 6.79 -43.01
N VAL C 169 18.66 5.73 -43.22
CA VAL C 169 19.07 4.34 -43.00
C VAL C 169 20.38 4.02 -43.69
N ARG C 170 20.47 4.33 -44.98
CA ARG C 170 21.69 4.12 -45.74
C ARG C 170 22.84 4.91 -45.09
N ASN C 171 22.59 6.18 -44.76
CA ASN C 171 23.62 7.04 -44.16
C ASN C 171 24.23 6.43 -42.91
N GLU C 172 23.40 6.21 -41.91
CA GLU C 172 23.86 5.70 -40.64
C GLU C 172 24.57 4.38 -40.80
N LEU C 173 24.08 3.55 -41.72
CA LEU C 173 24.63 2.25 -41.95
C LEU C 173 25.98 2.36 -42.59
N SER C 174 26.12 3.33 -43.50
CA SER C 174 27.39 3.63 -44.15
C SER C 174 28.41 4.09 -43.08
N ARG C 175 27.92 4.86 -42.12
CA ARG C 175 28.77 5.41 -41.10
C ARG C 175 29.29 4.33 -40.16
N ALA C 176 28.38 3.50 -39.67
CA ALA C 176 28.76 2.42 -38.76
C ALA C 176 29.69 1.44 -39.45
N SER C 177 29.42 1.15 -40.72
CA SER C 177 30.25 0.20 -41.45
C SER C 177 31.68 0.70 -41.70
N THR C 178 31.80 1.95 -42.12
CA THR C 178 33.10 2.58 -42.36
C THR C 178 34.00 2.63 -41.11
N LEU C 179 33.40 2.95 -39.99
CA LEU C 179 34.07 2.82 -38.71
C LEU C 179 34.45 1.39 -38.42
N SER C 180 33.53 0.45 -38.65
CA SER C 180 33.80 -0.99 -38.40
C SER C 180 35.04 -1.50 -39.09
N VAL C 181 35.18 -1.16 -40.37
CA VAL C 181 36.36 -1.61 -41.14
C VAL C 181 37.60 -0.86 -40.68
N LYS C 182 37.48 0.44 -40.38
CA LYS C 182 38.61 1.15 -39.79
C LYS C 182 39.12 0.41 -38.56
N MET C 183 38.21 0.12 -37.63
CA MET C 183 38.56 -0.57 -36.39
C MET C 183 39.31 -1.87 -36.68
N ALA C 184 38.81 -2.64 -37.65
CA ALA C 184 39.40 -3.93 -37.99
C ALA C 184 40.79 -3.72 -38.57
N THR C 185 40.87 -2.85 -39.57
CA THR C 185 42.13 -2.40 -40.17
C THR C 185 43.12 -1.98 -39.09
N ALA C 186 42.69 -1.19 -38.11
CA ALA C 186 43.53 -0.87 -36.94
C ALA C 186 43.94 -2.01 -36.02
N GLY C 187 43.58 -3.25 -36.32
CA GLY C 187 43.91 -4.37 -35.42
C GLY C 187 42.92 -4.62 -34.28
N LYS C 188 41.89 -3.77 -34.13
CA LYS C 188 40.95 -3.92 -33.04
C LYS C 188 40.18 -5.24 -33.22
N GLN C 189 40.11 -6.02 -32.15
CA GLN C 189 39.53 -7.35 -32.20
C GLN C 189 37.99 -7.39 -32.12
N PHE C 190 37.34 -6.27 -31.82
CA PHE C 190 35.89 -6.22 -31.69
C PHE C 190 35.46 -5.04 -32.53
N PRO C 191 35.46 -5.21 -33.85
CA PRO C 191 35.14 -4.10 -34.73
C PRO C 191 33.63 -3.91 -34.90
N MET C 192 32.92 -3.72 -33.78
CA MET C 192 31.46 -3.49 -33.81
C MET C 192 31.07 -2.06 -33.44
N VAL C 193 30.01 -1.57 -34.08
CA VAL C 193 29.57 -0.20 -33.84
C VAL C 193 28.07 -0.18 -33.57
N SER C 194 27.64 0.71 -32.67
CA SER C 194 26.25 1.10 -32.51
C SER C 194 26.11 2.60 -32.68
N VAL C 195 25.12 3.03 -33.44
CA VAL C 195 24.82 4.45 -33.64
C VAL C 195 23.40 4.72 -33.16
N PHE C 196 23.24 5.64 -32.23
CA PHE C 196 21.97 5.94 -31.61
C PHE C 196 21.47 7.27 -32.14
N VAL C 197 20.35 7.23 -32.83
CA VAL C 197 19.69 8.43 -33.34
C VAL C 197 18.47 8.66 -32.44
N ASP C 198 18.26 9.91 -32.03
CA ASP C 198 17.14 10.29 -31.18
C ASP C 198 15.88 10.53 -32.05
N PRO C 199 14.67 10.57 -31.43
CA PRO C 199 13.40 10.69 -32.19
C PRO C 199 13.30 11.91 -33.08
N SER C 200 13.75 13.06 -32.58
CA SER C 200 13.69 14.32 -33.35
C SER C 200 14.72 14.43 -34.49
N ARG C 201 15.78 13.62 -34.45
CA ARG C 201 16.96 13.74 -35.33
C ARG C 201 17.76 15.03 -35.19
N LYS C 202 17.41 15.87 -34.22
CA LYS C 202 18.06 17.16 -33.99
C LYS C 202 19.28 17.08 -33.09
N LYS C 203 19.36 16.07 -32.23
CA LYS C 203 20.55 15.89 -31.37
C LYS C 203 21.67 15.16 -32.13
N ASP C 204 22.89 15.27 -31.63
CA ASP C 204 24.02 14.65 -32.29
C ASP C 204 23.87 13.14 -32.17
N LYS C 205 23.95 12.43 -33.27
CA LYS C 205 23.90 10.97 -33.24
C LYS C 205 25.05 10.46 -32.37
N VAL C 206 24.76 9.53 -31.46
CA VAL C 206 25.77 8.97 -30.57
C VAL C 206 26.42 7.76 -31.21
N VAL C 207 27.74 7.77 -31.34
CA VAL C 207 28.51 6.72 -32.02
C VAL C 207 29.32 5.97 -31.00
N ALA C 208 29.08 4.67 -30.90
CA ALA C 208 29.62 3.86 -29.81
C ALA C 208 30.32 2.63 -30.33
N GLU C 209 31.64 2.55 -30.12
CA GLU C 209 32.45 1.39 -30.46
C GLU C 209 32.39 0.41 -29.33
N ASP C 210 32.56 -0.87 -29.64
CA ASP C 210 32.61 -1.90 -28.63
C ASP C 210 33.70 -1.56 -27.62
N GLY C 211 33.38 -1.72 -26.34
CA GLY C 211 34.28 -1.42 -25.27
C GLY C 211 35.33 -2.48 -25.05
N ARG C 212 35.16 -3.70 -25.52
CA ARG C 212 36.17 -4.74 -25.27
C ARG C 212 37.50 -4.50 -25.96
N ASN C 213 37.57 -3.51 -26.84
CA ASN C 213 38.81 -3.03 -27.41
C ASN C 213 39.61 -2.14 -26.44
N CYS C 214 38.99 -1.71 -25.34
CA CYS C 214 39.57 -0.69 -24.46
C CYS C 214 40.28 -1.37 -23.30
N GLU C 215 41.00 -0.55 -22.54
CA GLU C 215 42.00 -1.02 -21.58
C GLU C 215 41.41 -1.83 -20.42
N ASN C 216 40.52 -1.20 -19.66
CA ASN C 216 40.03 -1.81 -18.42
C ASN C 216 38.63 -2.38 -18.62
N SER C 217 38.46 -3.20 -19.65
CA SER C 217 37.13 -3.55 -20.14
C SER C 217 36.68 -4.88 -19.57
N LEU C 218 35.37 -5.04 -19.51
CA LEU C 218 34.73 -6.27 -19.13
C LEU C 218 34.12 -6.87 -20.40
N PRO C 219 33.96 -8.21 -20.41
CA PRO C 219 33.29 -8.92 -21.48
C PRO C 219 31.91 -8.39 -21.82
N ILE C 220 31.26 -7.72 -20.88
CA ILE C 220 29.93 -7.16 -21.07
C ILE C 220 29.92 -5.70 -21.55
N ASP C 221 31.06 -5.18 -22.01
CA ASP C 221 31.12 -3.77 -22.44
C ASP C 221 30.93 -3.64 -23.92
N HIS C 222 29.74 -4.04 -24.34
CA HIS C 222 29.41 -4.13 -25.73
C HIS C 222 28.92 -2.79 -26.23
N SER C 223 28.99 -2.57 -27.53
CA SER C 223 28.59 -1.25 -28.10
C SER C 223 27.19 -0.71 -27.79
N VAL C 224 26.18 -1.58 -27.76
CA VAL C 224 24.82 -1.16 -27.41
C VAL C 224 24.83 -0.64 -25.99
N MET C 225 25.46 -1.39 -25.09
CA MET C 225 25.59 -0.97 -23.69
C MET C 225 26.30 0.38 -23.52
N VAL C 226 27.36 0.57 -24.29
CA VAL C 226 28.15 1.78 -24.22
C VAL C 226 27.26 2.92 -24.71
N GLY C 227 26.65 2.77 -25.87
CA GLY C 227 25.80 3.85 -26.41
C GLY C 227 24.63 4.20 -25.51
N ILE C 228 24.06 3.18 -24.86
CA ILE C 228 22.99 3.40 -23.87
C ILE C 228 23.50 4.23 -22.72
N ARG C 229 24.68 3.88 -22.19
CA ARG C 229 25.29 4.64 -21.10
C ARG C 229 25.59 6.08 -21.56
N ALA C 230 25.98 6.26 -22.81
CA ALA C 230 26.30 7.58 -23.36
C ALA C 230 25.09 8.48 -23.43
N VAL C 231 24.00 7.99 -24.00
CA VAL C 231 22.73 8.70 -23.99
C VAL C 231 22.37 9.06 -22.55
N GLY C 232 22.49 8.13 -21.63
CA GLY C 232 22.19 8.40 -20.24
C GLY C 232 22.99 9.56 -19.63
N GLU C 233 24.27 9.59 -19.93
CA GLU C 233 25.15 10.60 -19.39
C GLU C 233 24.88 11.94 -20.05
N ARG C 234 24.36 11.92 -21.28
CA ARG C 234 23.95 13.13 -21.96
C ARG C 234 22.70 13.73 -21.28
N LEU C 235 21.71 12.88 -20.96
CA LEU C 235 20.55 13.30 -20.13
C LEU C 235 20.94 13.84 -18.78
N ARG C 236 21.74 13.08 -18.07
CA ARG C 236 22.30 13.50 -16.79
C ARG C 236 22.99 14.89 -16.85
N GLU C 237 23.76 15.18 -17.90
CA GLU C 237 24.43 16.48 -18.02
C GLU C 237 23.39 17.60 -18.24
N GLY C 238 22.39 17.33 -19.09
CA GLY C 238 21.21 18.20 -19.24
C GLY C 238 21.33 19.44 -20.12
N VAL C 239 22.44 19.55 -20.85
CA VAL C 239 22.68 20.68 -21.75
C VAL C 239 21.74 20.63 -22.97
N ASP C 240 21.58 19.43 -23.53
CA ASP C 240 20.93 19.26 -24.82
C ASP C 240 19.69 18.38 -24.72
N GLU C 241 19.06 18.30 -23.54
CA GLU C 241 17.93 17.39 -23.32
C GLU C 241 16.79 18.12 -22.64
N ASP C 242 15.59 17.97 -23.20
CA ASP C 242 14.37 18.50 -22.61
C ASP C 242 14.05 17.70 -21.35
N ALA C 243 13.09 18.19 -20.57
CA ALA C 243 12.53 17.43 -19.46
C ALA C 243 11.53 16.34 -19.94
N ASN C 244 11.21 16.32 -21.24
CA ASN C 244 10.52 15.18 -21.89
C ASN C 244 11.47 14.19 -22.67
N SER C 245 12.76 14.26 -22.41
CA SER C 245 13.69 13.20 -22.79
C SER C 245 13.54 12.12 -21.74
N TYR C 246 13.54 10.87 -22.17
CA TYR C 246 13.32 9.73 -21.26
C TYR C 246 14.00 8.50 -21.87
N LEU C 247 14.97 7.95 -21.16
CA LEU C 247 15.67 6.73 -21.59
C LEU C 247 16.29 6.85 -22.99
N CYS C 248 16.16 5.83 -23.84
CA CYS C 248 16.31 6.02 -25.29
C CYS C 248 14.96 5.90 -25.99
N LEU C 249 13.92 6.47 -25.38
CA LEU C 249 12.57 6.31 -25.91
C LEU C 249 12.46 6.80 -27.34
N ASP C 250 11.98 5.92 -28.21
CA ASP C 250 11.79 6.16 -29.64
C ASP C 250 13.06 6.52 -30.38
N TYR C 251 14.21 6.08 -29.87
CA TYR C 251 15.47 6.21 -30.60
C TYR C 251 15.49 5.14 -31.70
N ASP C 252 16.19 5.40 -32.78
CA ASP C 252 16.55 4.35 -33.72
C ASP C 252 18.02 4.03 -33.51
N VAL C 253 18.38 2.75 -33.65
CA VAL C 253 19.72 2.28 -33.37
C VAL C 253 20.21 1.45 -34.54
N TYR C 254 21.42 1.74 -34.98
CA TYR C 254 22.01 1.05 -36.11
C TYR C 254 23.25 0.29 -35.65
N LEU C 255 23.27 -1.02 -35.91
CA LEU C 255 24.32 -1.94 -35.47
C LEU C 255 24.95 -2.60 -36.66
N THR C 256 26.24 -2.83 -36.60
CA THR C 256 26.94 -3.60 -37.60
C THR C 256 26.67 -5.05 -37.36
N HIS C 257 26.58 -5.43 -36.08
CA HIS C 257 26.34 -6.82 -35.69
C HIS C 257 25.09 -7.07 -34.81
N GLU C 258 24.35 -8.12 -35.16
CA GLU C 258 23.20 -8.58 -34.41
C GLU C 258 23.51 -8.71 -32.91
N PRO C 259 22.67 -8.12 -32.06
CA PRO C 259 23.05 -8.04 -30.66
C PRO C 259 22.73 -9.28 -29.88
N CYS C 260 23.56 -9.53 -28.88
CA CYS C 260 23.38 -10.65 -27.95
C CYS C 260 22.15 -10.47 -27.05
N SER C 261 21.89 -11.47 -26.19
CA SER C 261 20.70 -11.51 -25.32
C SER C 261 20.63 -10.39 -24.33
N MET C 262 21.77 -10.06 -23.71
CA MET C 262 21.88 -8.86 -22.86
C MET C 262 21.52 -7.54 -23.60
N CYS C 263 22.08 -7.35 -24.79
CA CYS C 263 21.88 -6.11 -25.53
C CYS C 263 20.47 -5.95 -26.04
N SER C 264 19.94 -7.01 -26.61
CA SER C 264 18.55 -7.04 -27.07
C SER C 264 17.60 -6.58 -25.97
N MET C 265 17.74 -7.20 -24.80
CA MET C 265 16.88 -6.86 -23.69
C MET C 265 17.17 -5.46 -23.17
N ALA C 266 18.44 -5.05 -23.29
CA ALA C 266 18.86 -3.74 -22.89
C ALA C 266 18.10 -2.65 -23.68
N LEU C 267 17.95 -2.86 -24.99
CA LEU C 267 17.17 -1.96 -25.86
C LEU C 267 15.64 -2.02 -25.57
N ILE C 268 15.17 -3.13 -25.00
CA ILE C 268 13.79 -3.24 -24.56
C ILE C 268 13.60 -2.33 -23.36
N HIS C 269 14.53 -2.36 -22.41
CA HIS C 269 14.45 -1.51 -21.21
C HIS C 269 14.57 -0.03 -21.53
N SER C 270 15.32 0.28 -22.59
CA SER C 270 15.55 1.66 -23.06
C SER C 270 14.43 2.17 -23.99
N ARG C 271 13.46 1.33 -24.30
CA ARG C 271 12.24 1.75 -24.97
C ARG C 271 12.52 2.37 -26.35
N VAL C 272 13.52 1.80 -27.05
CA VAL C 272 13.84 2.25 -28.41
C VAL C 272 12.70 1.84 -29.34
N ARG C 273 12.57 2.58 -30.43
CA ARG C 273 11.59 2.27 -31.50
C ARG C 273 12.04 1.22 -32.49
N ARG C 274 13.30 1.31 -32.93
CA ARG C 274 13.79 0.54 -34.07
C ARG C 274 15.26 0.17 -33.88
N VAL C 275 15.61 -1.02 -34.40
CA VAL C 275 16.97 -1.47 -34.52
C VAL C 275 17.13 -1.92 -35.96
N VAL C 276 18.27 -1.60 -36.58
CA VAL C 276 18.60 -2.03 -37.93
C VAL C 276 20.02 -2.53 -37.83
N PHE C 277 20.25 -3.77 -38.22
CA PHE C 277 21.57 -4.38 -38.16
C PHE C 277 22.00 -4.95 -39.50
N LEU C 278 23.28 -5.28 -39.60
CA LEU C 278 23.91 -5.72 -40.85
C LEU C 278 24.33 -7.19 -40.82
N THR C 279 25.09 -7.58 -39.81
CA THR C 279 25.61 -8.91 -39.77
C THR C 279 24.77 -9.74 -38.82
N GLU C 280 24.24 -10.87 -39.32
CA GLU C 280 23.58 -11.84 -38.45
C GLU C 280 24.63 -12.62 -37.67
N MET C 281 24.31 -12.96 -36.42
CA MET C 281 25.16 -13.82 -35.62
C MET C 281 24.31 -14.98 -35.27
N GLN C 282 24.47 -16.06 -36.02
CA GLN C 282 23.74 -17.27 -35.78
C GLN C 282 24.02 -17.88 -34.43
N ARG C 283 25.26 -17.84 -33.97
CA ARG C 283 25.63 -18.48 -32.68
C ARG C 283 25.05 -17.72 -31.49
N THR C 284 25.10 -16.40 -31.58
CA THR C 284 24.85 -15.52 -30.45
C THR C 284 23.71 -14.51 -30.60
N GLY C 285 23.32 -14.19 -31.83
CA GLY C 285 22.30 -13.18 -32.08
C GLY C 285 21.01 -13.49 -31.36
N SER C 286 20.30 -12.44 -30.97
CA SER C 286 19.05 -12.57 -30.21
C SER C 286 17.82 -11.90 -30.83
N LEU C 287 17.91 -11.55 -32.11
CA LEU C 287 16.79 -10.96 -32.86
C LEU C 287 16.19 -11.91 -33.91
N LYS C 288 16.99 -12.38 -34.86
CA LYS C 288 16.50 -13.28 -35.89
C LYS C 288 16.06 -14.61 -35.34
N LEU C 289 14.92 -15.10 -35.85
CA LEU C 289 14.41 -16.42 -35.51
C LEU C 289 15.46 -17.53 -35.60
N THR C 290 16.33 -17.44 -36.60
CA THR C 290 17.34 -18.46 -36.87
C THR C 290 18.68 -18.23 -36.19
N SER C 291 18.78 -17.14 -35.42
CA SER C 291 19.97 -16.81 -34.66
C SER C 291 19.77 -17.29 -33.21
N GLY C 292 20.81 -17.93 -32.68
CA GLY C 292 20.90 -18.18 -31.27
C GLY C 292 19.92 -19.23 -30.90
N ASP C 293 19.21 -19.04 -29.81
CA ASP C 293 18.11 -19.92 -29.42
C ASP C 293 16.71 -19.40 -29.92
N GLY C 294 16.66 -18.53 -30.91
CA GLY C 294 15.41 -17.95 -31.36
C GLY C 294 14.70 -17.11 -30.31
N TYR C 295 15.46 -16.31 -29.57
CA TYR C 295 14.86 -15.43 -28.56
C TYR C 295 13.94 -14.40 -29.17
N CYS C 296 14.32 -13.85 -30.30
CA CYS C 296 13.51 -12.86 -31.01
C CYS C 296 13.04 -11.80 -30.03
N MET C 297 13.99 -11.14 -29.40
CA MET C 297 13.73 -10.29 -28.23
C MET C 297 12.96 -9.02 -28.58
N ASN C 298 13.10 -8.54 -29.81
CA ASN C 298 12.31 -7.41 -30.30
C ASN C 298 10.81 -7.71 -30.42
N ASP C 299 10.49 -8.99 -30.50
CA ASP C 299 9.15 -9.43 -30.80
C ASP C 299 8.80 -10.66 -29.94
N ASN C 300 8.69 -10.42 -28.65
CA ASN C 300 8.30 -11.46 -27.72
C ASN C 300 7.10 -10.96 -26.90
N LYS C 301 5.97 -11.61 -27.14
CA LYS C 301 4.69 -11.24 -26.50
C LYS C 301 4.73 -11.31 -24.97
N GLN C 302 5.54 -12.20 -24.42
CA GLN C 302 5.69 -12.38 -22.97
C GLN C 302 6.28 -11.18 -22.25
N LEU C 303 6.98 -10.32 -22.98
CA LEU C 303 7.40 -9.02 -22.48
C LEU C 303 6.25 -8.07 -22.83
N ASN C 304 6.15 -6.96 -22.11
CA ASN C 304 5.09 -5.96 -22.36
C ASN C 304 5.35 -5.01 -23.53
N SER C 305 6.49 -5.19 -24.21
CA SER C 305 7.16 -4.14 -24.97
C SER C 305 7.82 -4.78 -26.17
N THR C 306 7.87 -4.04 -27.28
CA THR C 306 8.53 -4.46 -28.51
C THR C 306 9.24 -3.29 -29.15
N TYR C 307 10.13 -3.62 -30.08
CA TYR C 307 10.66 -2.66 -31.05
C TYR C 307 10.75 -3.28 -32.42
N GLU C 308 10.78 -2.44 -33.43
CA GLU C 308 10.86 -2.87 -34.81
C GLU C 308 12.29 -3.25 -35.05
N ALA C 309 12.52 -4.23 -35.91
CA ALA C 309 13.85 -4.72 -36.20
C ALA C 309 13.98 -5.10 -37.66
N PHE C 310 15.12 -4.78 -38.24
CA PHE C 310 15.39 -5.04 -39.63
C PHE C 310 16.83 -5.42 -39.77
N GLN C 311 17.10 -6.30 -40.73
CA GLN C 311 18.45 -6.56 -41.20
C GLN C 311 18.61 -5.94 -42.57
N TRP C 312 19.82 -5.47 -42.88
CA TRP C 312 20.15 -5.00 -44.22
C TRP C 312 20.75 -6.19 -44.93
N ILE C 313 20.22 -6.51 -46.10
CA ILE C 313 20.63 -7.73 -46.81
C ILE C 313 21.32 -7.44 -48.14
N GLY C 314 21.62 -6.18 -48.41
CA GLY C 314 22.52 -5.83 -49.51
C GLY C 314 23.98 -6.03 -49.15
N GLU C 315 24.86 -5.68 -50.08
CA GLU C 315 26.31 -5.87 -49.88
C GLU C 315 27.08 -4.54 -49.78
N GLU C 316 26.37 -3.42 -49.81
CA GLU C 316 26.99 -2.09 -49.87
C GLU C 316 27.92 -1.73 -48.68
N TYR C 317 27.72 -2.30 -47.51
CA TYR C 317 28.28 -1.78 -46.29
C TYR C 317 29.02 -2.86 -45.51
N PRO C 318 30.16 -3.32 -46.03
CA PRO C 318 30.91 -4.39 -45.39
C PRO C 318 31.47 -3.92 -44.06
N VAL C 319 31.74 -4.88 -43.19
CA VAL C 319 32.05 -4.62 -41.80
C VAL C 319 33.29 -5.44 -41.42
N GLY C 320 33.77 -5.26 -40.19
CA GLY C 320 34.98 -5.94 -39.75
C GLY C 320 34.61 -7.35 -39.42
N GLN C 321 35.41 -8.32 -39.85
CA GLN C 321 35.15 -9.73 -39.52
C GLN C 321 35.25 -9.87 -38.01
N VAL C 322 34.25 -10.54 -37.44
CA VAL C 322 34.22 -10.85 -36.03
C VAL C 322 34.11 -12.36 -35.90
N ASP C 323 34.72 -12.89 -34.85
CA ASP C 323 34.62 -14.29 -34.52
C ASP C 323 33.19 -14.63 -34.20
N ARG C 324 32.73 -15.76 -34.70
CA ARG C 324 31.29 -16.09 -34.63
C ARG C 324 30.81 -16.45 -33.26
N ASP C 325 31.73 -16.80 -32.37
CA ASP C 325 31.37 -17.08 -30.98
C ASP C 325 31.17 -15.80 -30.18
N VAL C 326 31.48 -14.64 -30.76
CA VAL C 326 31.43 -13.40 -30.01
C VAL C 326 29.98 -13.00 -29.82
N CYS C 327 29.64 -12.75 -28.55
CA CYS C 327 28.40 -12.14 -28.19
C CYS C 327 28.51 -10.67 -28.55
N CYS C 328 27.77 -10.34 -29.61
CA CYS C 328 27.69 -9.06 -30.30
C CYS C 328 28.38 -9.07 -31.65
N ASN D 13 -32.12 -21.19 32.38
CA ASN D 13 -32.84 -20.36 33.42
C ASN D 13 -32.27 -18.94 33.45
N PRO D 14 -32.92 -18.00 32.74
CA PRO D 14 -32.31 -16.71 32.54
C PRO D 14 -32.41 -15.82 33.77
N LEU D 15 -31.92 -14.61 33.59
CA LEU D 15 -32.07 -13.55 34.58
C LEU D 15 -33.43 -12.88 34.44
N LYS D 16 -33.85 -12.16 35.48
CA LYS D 16 -35.03 -11.36 35.38
C LYS D 16 -34.80 -10.18 34.41
N ILE D 17 -35.79 -9.91 33.57
CA ILE D 17 -35.78 -8.76 32.67
C ILE D 17 -37.05 -7.95 32.93
N ASP D 18 -36.85 -6.67 33.25
CA ASP D 18 -37.92 -5.71 33.39
C ASP D 18 -37.91 -4.90 32.09
N TYR D 19 -38.80 -5.25 31.17
CA TYR D 19 -38.83 -4.65 29.83
C TYR D 19 -39.36 -3.23 29.79
N GLN D 20 -40.22 -2.86 30.74
CA GLN D 20 -40.71 -1.47 30.82
C GLN D 20 -39.58 -0.47 31.13
N ASN D 21 -38.69 -0.82 32.07
CA ASN D 21 -37.59 0.06 32.50
C ASN D 21 -36.17 -0.29 32.01
N GLY D 22 -36.02 -1.47 31.39
CA GLY D 22 -34.70 -1.99 31.05
C GLY D 22 -33.85 -2.15 32.32
N ILE D 23 -34.34 -2.98 33.26
CA ILE D 23 -33.61 -3.34 34.48
C ILE D 23 -33.47 -4.85 34.60
N ILE D 24 -32.24 -5.31 34.81
CA ILE D 24 -31.95 -6.74 34.91
C ILE D 24 -31.66 -7.16 36.35
N GLU D 25 -32.36 -8.20 36.81
CA GLU D 25 -32.24 -8.72 38.19
C GLU D 25 -32.42 -7.61 39.21
N ASN D 26 -33.40 -6.73 39.00
CA ASN D 26 -33.69 -5.60 39.91
C ASN D 26 -32.56 -4.60 40.14
N ARG D 27 -31.42 -4.81 39.50
CA ARG D 27 -30.18 -4.13 39.88
C ARG D 27 -29.42 -3.42 38.75
N LEU D 28 -29.37 -4.02 37.57
CA LEU D 28 -28.62 -3.47 36.46
C LEU D 28 -29.54 -2.71 35.53
N LEU D 29 -29.45 -1.38 35.59
CA LEU D 29 -30.14 -0.46 34.70
C LEU D 29 -29.37 -0.29 33.37
N GLN D 30 -30.04 -0.54 32.26
CA GLN D 30 -29.45 -0.47 30.96
C GLN D 30 -29.24 0.98 30.56
N ILE D 31 -28.00 1.32 30.18
CA ILE D 31 -27.66 2.68 29.78
C ILE D 31 -27.53 2.69 28.29
N ARG D 32 -28.42 3.46 27.67
CA ARG D 32 -28.48 3.58 26.22
C ARG D 32 -29.02 4.97 25.90
N ASN D 33 -29.08 5.31 24.62
CA ASN D 33 -29.64 6.55 24.13
C ASN D 33 -31.04 6.43 23.47
N PHE D 34 -31.85 7.50 23.53
CA PHE D 34 -33.20 7.58 22.87
C PHE D 34 -33.37 8.69 21.79
N LYS D 35 -32.37 9.54 21.60
CA LYS D 35 -32.30 10.41 20.41
C LYS D 35 -31.94 9.59 19.16
N ASP D 36 -31.50 8.35 19.43
CA ASP D 36 -31.34 7.27 18.44
C ASP D 36 -32.50 7.20 17.41
N VAL D 37 -33.73 7.15 17.94
CA VAL D 37 -34.96 6.71 17.26
C VAL D 37 -35.01 6.77 15.74
N ASN D 38 -35.06 8.00 15.21
CA ASN D 38 -35.44 8.26 13.80
C ASN D 38 -34.30 8.23 12.79
N THR D 39 -33.06 8.35 13.28
CA THR D 39 -31.85 8.40 12.44
C THR D 39 -31.33 6.98 12.22
N PRO D 40 -31.33 6.50 10.95
CA PRO D 40 -30.68 5.20 10.70
C PRO D 40 -29.17 5.31 10.66
N LYS D 41 -28.48 4.25 11.07
CA LYS D 41 -27.04 4.15 10.90
C LYS D 41 -26.78 3.24 9.68
N LEU D 42 -26.54 3.82 8.52
CA LEU D 42 -26.26 3.01 7.30
C LEU D 42 -24.91 2.28 7.29
N ILE D 43 -24.89 1.11 6.65
CA ILE D 43 -23.66 0.35 6.42
C ILE D 43 -23.78 -0.27 5.05
N ASN D 44 -22.64 -0.72 4.51
CA ASN D 44 -22.64 -1.37 3.21
C ASN D 44 -22.48 -2.86 3.35
N VAL D 45 -23.15 -3.59 2.47
CA VAL D 45 -23.24 -5.05 2.52
C VAL D 45 -22.98 -5.66 1.13
N TRP D 46 -22.38 -6.84 1.13
CA TRP D 46 -22.17 -7.60 -0.07
C TRP D 46 -23.50 -8.15 -0.52
N SER D 47 -23.95 -7.76 -1.70
CA SER D 47 -25.20 -8.24 -2.24
C SER D 47 -24.92 -9.10 -3.46
N ILE D 48 -25.51 -10.30 -3.50
CA ILE D 48 -25.47 -11.16 -4.69
C ILE D 48 -26.71 -10.88 -5.54
N ARG D 49 -26.61 -11.16 -6.83
CA ARG D 49 -27.71 -11.02 -7.78
C ARG D 49 -27.85 -12.37 -8.51
N ILE D 50 -28.93 -13.11 -8.24
CA ILE D 50 -29.02 -14.56 -8.48
C ILE D 50 -30.34 -14.96 -9.13
N ASP D 51 -30.30 -15.80 -10.16
CA ASP D 51 -31.52 -16.42 -10.74
C ASP D 51 -32.40 -17.02 -9.61
N PRO D 52 -33.74 -16.89 -9.70
CA PRO D 52 -34.62 -17.41 -8.62
C PRO D 52 -34.47 -18.90 -8.28
N ARG D 53 -34.32 -19.77 -9.27
CA ARG D 53 -34.07 -21.20 -9.01
C ARG D 53 -32.68 -21.41 -8.34
N ASP D 54 -31.75 -20.48 -8.56
CA ASP D 54 -30.42 -20.51 -7.91
C ASP D 54 -30.42 -19.99 -6.44
N SER D 55 -31.57 -19.92 -5.77
CA SER D 55 -31.71 -19.18 -4.49
C SER D 55 -31.32 -19.97 -3.26
N LYS D 56 -31.90 -21.17 -3.11
CA LYS D 56 -31.74 -21.96 -1.88
C LYS D 56 -30.29 -22.35 -1.60
N LYS D 57 -29.49 -22.48 -2.63
CA LYS D 57 -28.04 -22.68 -2.46
C LYS D 57 -27.38 -21.50 -1.72
N VAL D 58 -27.74 -20.27 -2.09
CA VAL D 58 -27.22 -19.05 -1.44
C VAL D 58 -27.73 -18.93 -0.01
N ILE D 59 -29.05 -19.05 0.15
CA ILE D 59 -29.67 -19.10 1.48
C ILE D 59 -28.89 -20.09 2.36
N GLU D 60 -28.77 -21.33 1.87
CA GLU D 60 -27.98 -22.36 2.56
C GLU D 60 -26.61 -21.84 2.98
N LEU D 61 -25.88 -21.21 2.06
CA LEU D 61 -24.60 -20.57 2.39
C LEU D 61 -24.79 -19.60 3.58
N ILE D 62 -25.79 -18.74 3.49
CA ILE D 62 -26.06 -17.71 4.50
C ILE D 62 -26.28 -18.30 5.90
N ARG D 63 -27.11 -19.34 5.96
CA ARG D 63 -27.40 -20.06 7.21
C ARG D 63 -26.15 -20.71 7.78
N ASN D 64 -25.43 -21.42 6.89
CA ASN D 64 -24.21 -22.11 7.26
C ASN D 64 -23.09 -21.14 7.66
N ASP D 65 -22.81 -20.17 6.81
CA ASP D 65 -21.60 -19.35 6.94
C ASP D 65 -21.90 -17.89 7.32
N PHE D 66 -22.56 -17.16 6.43
CA PHE D 66 -22.60 -15.70 6.55
C PHE D 66 -23.18 -15.23 7.87
N GLN D 67 -24.39 -15.66 8.23
CA GLN D 67 -25.00 -15.22 9.51
C GLN D 67 -24.31 -15.79 10.75
N LYS D 68 -23.69 -16.96 10.60
CA LYS D 68 -22.95 -17.64 11.68
C LYS D 68 -21.86 -16.74 12.30
N ASN D 69 -20.93 -16.29 11.46
CA ASN D 69 -19.73 -15.57 11.92
C ASN D 69 -19.72 -14.06 11.71
N ASP D 70 -20.66 -13.52 10.93
CA ASP D 70 -20.69 -12.09 10.63
C ASP D 70 -20.78 -11.33 11.93
N PRO D 71 -19.78 -10.48 12.22
CA PRO D 71 -19.83 -9.78 13.51
C PRO D 71 -21.03 -8.85 13.64
N VAL D 72 -21.51 -8.31 12.50
CA VAL D 72 -22.74 -7.49 12.44
C VAL D 72 -23.95 -8.40 12.25
N SER D 73 -24.88 -8.34 13.20
CA SER D 73 -26.15 -9.03 13.06
C SER D 73 -27.04 -8.34 12.02
N LEU D 74 -27.44 -9.10 11.02
CA LEU D 74 -28.39 -8.66 10.00
C LEU D 74 -29.70 -9.45 10.05
N ARG D 75 -30.05 -10.00 11.20
CA ARG D 75 -31.30 -10.76 11.30
C ARG D 75 -32.59 -9.91 11.28
N HIS D 76 -32.42 -8.60 11.39
CA HIS D 76 -33.50 -7.63 11.12
C HIS D 76 -33.75 -7.38 9.62
N LEU D 77 -32.97 -7.99 8.73
CA LEU D 77 -33.19 -7.91 7.29
C LEU D 77 -33.90 -9.13 6.71
N LYS D 78 -34.78 -8.86 5.76
CA LYS D 78 -35.22 -9.86 4.79
C LYS D 78 -34.09 -9.99 3.79
N ARG D 79 -33.52 -11.18 3.69
CA ARG D 79 -32.35 -11.42 2.83
C ARG D 79 -32.60 -11.28 1.34
N ILE D 80 -33.81 -11.61 0.90
CA ILE D 80 -34.18 -11.64 -0.51
C ILE D 80 -35.05 -10.45 -0.87
N ARG D 81 -34.59 -9.64 -1.82
CA ARG D 81 -35.41 -8.58 -2.42
C ARG D 81 -35.71 -9.02 -3.83
N LYS D 82 -36.99 -9.29 -4.13
CA LYS D 82 -37.44 -9.62 -5.50
C LYS D 82 -37.42 -8.35 -6.32
N ASP D 83 -36.46 -8.25 -7.24
CA ASP D 83 -36.52 -7.22 -8.29
C ASP D 83 -37.13 -7.82 -9.56
N ILE D 84 -38.03 -7.04 -10.16
CA ILE D 84 -39.00 -7.53 -11.14
C ILE D 84 -38.55 -7.11 -12.53
N GLU D 85 -38.24 -5.81 -12.67
CA GLU D 85 -37.75 -5.21 -13.92
C GLU D 85 -36.69 -6.09 -14.60
N THR D 86 -35.64 -6.44 -13.83
CA THR D 86 -34.72 -7.54 -14.17
C THR D 86 -35.28 -8.83 -13.57
N SER D 87 -35.10 -9.95 -14.25
CA SER D 87 -35.84 -11.19 -13.94
C SER D 87 -35.56 -11.86 -12.57
N THR D 88 -34.30 -11.83 -12.15
CA THR D 88 -33.83 -12.52 -10.93
C THR D 88 -33.97 -11.79 -9.57
N LEU D 89 -33.34 -12.37 -8.53
CA LEU D 89 -33.41 -11.89 -7.13
C LEU D 89 -32.11 -11.24 -6.64
N GLU D 90 -32.26 -10.28 -5.73
CA GLU D 90 -31.12 -9.62 -5.07
C GLU D 90 -31.09 -10.10 -3.61
N VAL D 91 -29.91 -10.55 -3.17
CA VAL D 91 -29.76 -11.19 -1.85
C VAL D 91 -28.60 -10.53 -1.12
N VAL D 92 -28.78 -10.29 0.18
CA VAL D 92 -27.73 -9.71 1.01
C VAL D 92 -26.99 -10.85 1.68
N LEU D 93 -25.66 -10.77 1.71
CA LEU D 93 -24.78 -11.84 2.21
C LEU D 93 -24.18 -11.51 3.56
N CYS D 94 -23.40 -10.44 3.61
CA CYS D 94 -22.65 -10.08 4.83
C CYS D 94 -22.28 -8.60 4.90
N SER D 95 -22.00 -8.12 6.10
CA SER D 95 -21.43 -6.78 6.30
C SER D 95 -19.96 -6.75 5.86
N LYS D 96 -19.47 -5.54 5.51
CA LYS D 96 -18.06 -5.36 5.08
C LYS D 96 -17.09 -5.75 6.21
N GLU D 97 -17.53 -5.65 7.46
CA GLU D 97 -16.75 -6.12 8.63
C GLU D 97 -16.61 -7.66 8.81
N TYR D 98 -17.26 -8.46 7.97
CA TYR D 98 -17.05 -9.90 8.01
C TYR D 98 -15.97 -10.30 7.01
N ILE D 99 -16.15 -9.90 5.75
CA ILE D 99 -15.16 -10.15 4.69
C ILE D 99 -14.96 -8.93 3.77
N CYS D 100 -13.77 -8.88 3.15
CA CYS D 100 -13.29 -7.73 2.36
C CYS D 100 -12.82 -8.17 0.95
N ASP D 101 -12.98 -7.28 -0.03
CA ASP D 101 -12.48 -7.48 -1.42
C ASP D 101 -13.18 -8.63 -2.21
N GLU D 102 -12.41 -9.54 -2.80
CA GLU D 102 -12.96 -10.63 -3.62
C GLU D 102 -13.19 -11.96 -2.89
N GLY D 103 -12.89 -12.03 -1.58
CA GLY D 103 -13.18 -13.21 -0.74
C GLY D 103 -14.63 -13.70 -0.80
N GLU D 104 -15.58 -12.78 -1.06
CA GLU D 104 -16.99 -13.11 -1.30
C GLU D 104 -17.15 -14.12 -2.43
N ILE D 105 -16.56 -13.79 -3.57
CA ILE D 105 -16.62 -14.66 -4.76
C ILE D 105 -15.73 -15.92 -4.65
N ASN D 106 -14.80 -15.96 -3.69
CA ASN D 106 -14.07 -17.20 -3.34
C ASN D 106 -15.01 -18.21 -2.67
N ASN D 107 -15.64 -17.80 -1.57
CA ASN D 107 -16.64 -18.62 -0.85
C ASN D 107 -17.81 -19.02 -1.74
N LYS D 108 -18.36 -18.02 -2.43
CA LYS D 108 -19.41 -18.20 -3.44
C LYS D 108 -19.02 -19.23 -4.53
N LEU D 109 -17.74 -19.21 -4.92
CA LEU D 109 -17.17 -20.18 -5.89
C LEU D 109 -17.29 -21.63 -5.38
N LYS D 110 -16.85 -21.82 -4.14
CA LYS D 110 -16.91 -23.13 -3.45
C LYS D 110 -18.28 -23.82 -3.52
N SER D 111 -19.37 -23.07 -3.37
CA SER D 111 -20.72 -23.65 -3.39
C SER D 111 -21.15 -24.05 -4.80
N LYS D 118 -23.79 -18.28 -12.31
CA LYS D 118 -24.26 -17.08 -13.01
C LYS D 118 -24.88 -16.06 -12.01
N TYR D 119 -24.05 -15.12 -11.54
CA TYR D 119 -24.48 -14.09 -10.59
C TYR D 119 -23.69 -12.78 -10.77
N GLU D 120 -24.02 -11.74 -9.99
CA GLU D 120 -23.29 -10.44 -9.99
C GLU D 120 -23.22 -9.80 -8.59
N LEU D 121 -22.04 -9.78 -7.98
CA LEU D 121 -21.87 -9.22 -6.61
C LEU D 121 -21.95 -7.67 -6.64
N SER D 122 -22.15 -7.05 -5.47
CA SER D 122 -22.23 -5.58 -5.36
C SER D 122 -21.94 -5.01 -3.96
N ASP D 123 -21.50 -3.75 -3.93
CA ASP D 123 -21.32 -2.95 -2.70
C ASP D 123 -22.22 -1.71 -2.70
N ASP D 124 -23.04 -1.56 -3.74
CA ASP D 124 -23.94 -0.40 -3.90
C ASP D 124 -25.01 -0.27 -2.79
N ILE D 125 -25.33 -1.38 -2.11
CA ILE D 125 -26.45 -1.45 -1.20
C ILE D 125 -26.11 -0.91 0.18
N GLU D 126 -26.93 0.01 0.66
CA GLU D 126 -26.86 0.51 2.04
C GLU D 126 -28.09 0.04 2.84
N VAL D 127 -27.85 -0.61 3.97
CA VAL D 127 -28.91 -1.07 4.89
C VAL D 127 -28.76 -0.45 6.29
N PRO D 128 -29.87 -0.27 7.04
CA PRO D 128 -29.67 0.22 8.41
C PRO D 128 -29.01 -0.88 9.23
N GLU D 129 -27.99 -0.51 10.01
CA GLU D 129 -27.23 -1.48 10.83
C GLU D 129 -28.07 -1.97 12.01
N PHE D 130 -28.96 -1.12 12.51
CA PHE D 130 -29.82 -1.48 13.61
C PHE D 130 -31.26 -1.24 13.20
N ALA D 131 -32.13 -2.14 13.65
CA ALA D 131 -33.56 -2.02 13.43
C ALA D 131 -34.19 -0.79 14.11
N PRO D 132 -35.18 -0.16 13.45
CA PRO D 132 -35.89 0.94 14.07
C PRO D 132 -36.85 0.51 15.18
N SER D 133 -37.23 1.48 15.99
CA SER D 133 -38.01 1.26 17.20
C SER D 133 -39.49 1.16 16.98
N THR D 134 -39.98 1.73 15.88
CA THR D 134 -41.42 1.78 15.59
C THR D 134 -41.74 1.06 14.27
N LYS D 135 -42.89 0.39 14.19
CA LYS D 135 -43.33 -0.26 12.95
C LYS D 135 -43.41 0.70 11.74
N GLU D 136 -43.64 1.98 12.03
CA GLU D 136 -43.76 3.00 11.01
C GLU D 136 -42.39 3.22 10.31
N LEU D 137 -41.37 3.55 11.09
CA LEU D 137 -39.97 3.59 10.64
C LEU D 137 -39.51 2.30 9.97
N ASN D 138 -39.98 1.17 10.47
CA ASN D 138 -39.66 -0.11 9.85
C ASN D 138 -40.13 -0.13 8.41
N ASN D 139 -41.32 0.39 8.15
CA ASN D 139 -41.87 0.46 6.78
C ASN D 139 -41.16 1.52 5.94
N ALA D 140 -40.97 2.70 6.50
CA ALA D 140 -40.19 3.74 5.83
C ALA D 140 -38.83 3.26 5.37
N TRP D 141 -38.05 2.65 6.28
CA TRP D 141 -36.70 2.19 5.93
C TRP D 141 -36.75 0.96 5.03
N SER D 142 -37.83 0.19 5.16
CA SER D 142 -38.02 -0.99 4.33
C SER D 142 -38.10 -0.57 2.87
N VAL D 143 -38.89 0.46 2.61
CA VAL D 143 -39.06 1.09 1.28
C VAL D 143 -37.80 1.83 0.79
N LYS D 144 -37.25 2.69 1.64
CA LYS D 144 -36.12 3.55 1.30
C LYS D 144 -34.78 2.83 1.12
N TYR D 145 -34.47 1.87 1.99
CA TYR D 145 -33.14 1.22 2.01
C TYR D 145 -33.21 -0.26 1.68
N TRP D 146 -33.89 -1.06 2.50
CA TRP D 146 -33.96 -2.51 2.28
C TRP D 146 -35.08 -3.05 3.15
N PRO D 147 -35.81 -4.08 2.67
CA PRO D 147 -36.91 -4.63 3.47
C PRO D 147 -36.49 -5.23 4.81
N LEU D 148 -37.13 -4.79 5.88
CA LEU D 148 -36.80 -5.20 7.23
C LEU D 148 -37.89 -6.08 7.80
N ILE D 149 -37.55 -6.85 8.83
CA ILE D 149 -38.51 -7.60 9.62
C ILE D 149 -38.87 -6.81 10.86
N TRP D 150 -40.16 -6.74 11.17
CA TRP D 150 -40.62 -6.05 12.37
C TRP D 150 -40.96 -7.09 13.45
N ASN D 151 -40.27 -7.04 14.58
CA ASN D 151 -40.52 -7.97 15.69
C ASN D 151 -40.60 -7.22 16.99
N GLY D 152 -41.30 -6.10 16.95
CA GLY D 152 -41.52 -5.28 18.13
C GLY D 152 -40.32 -4.40 18.43
N ASN D 153 -40.34 -3.84 19.64
CA ASN D 153 -39.27 -3.05 20.18
C ASN D 153 -37.97 -3.84 20.11
N PRO D 154 -37.03 -3.40 19.25
CA PRO D 154 -35.78 -4.18 19.14
C PRO D 154 -34.97 -4.19 20.41
N ASN D 155 -35.20 -3.23 21.30
CA ASN D 155 -34.48 -3.18 22.57
C ASN D 155 -34.82 -4.34 23.49
N ASP D 156 -36.05 -4.86 23.35
CA ASP D 156 -36.39 -6.10 24.00
C ASP D 156 -35.41 -7.23 23.61
N GLN D 157 -35.13 -7.40 22.31
CA GLN D 157 -34.20 -8.47 21.88
C GLN D 157 -32.77 -8.22 22.42
N ILE D 158 -32.38 -6.94 22.52
CA ILE D 158 -31.09 -6.59 23.07
C ILE D 158 -31.01 -7.00 24.55
N LEU D 159 -32.07 -6.70 25.31
CA LEU D 159 -32.15 -7.08 26.72
C LEU D 159 -32.13 -8.58 26.92
N ASN D 160 -32.74 -9.33 25.99
CA ASN D 160 -32.67 -10.79 26.02
C ASN D 160 -31.30 -11.33 25.69
N ASP D 161 -30.57 -10.65 24.83
CA ASP D 161 -29.28 -11.18 24.36
C ASP D 161 -28.13 -10.96 25.33
N TYR D 162 -28.22 -9.99 26.27
CA TYR D 162 -27.15 -9.78 27.27
C TYR D 162 -26.80 -11.08 27.98
N LYS D 163 -25.50 -11.39 28.03
CA LYS D 163 -24.93 -12.52 28.77
C LYS D 163 -24.22 -12.00 30.03
N ILE D 164 -24.92 -12.06 31.15
CA ILE D 164 -24.46 -11.50 32.39
C ILE D 164 -24.33 -12.58 33.46
N ASP D 165 -23.19 -12.57 34.15
CA ASP D 165 -22.95 -13.44 35.29
C ASP D 165 -23.02 -12.58 36.53
N MET D 166 -24.17 -12.60 37.20
CA MET D 166 -24.41 -11.77 38.37
C MET D 166 -23.41 -11.96 39.52
N GLN D 167 -22.86 -13.17 39.63
CA GLN D 167 -21.86 -13.45 40.67
C GLN D 167 -20.63 -12.60 40.44
N GLU D 168 -20.14 -12.57 39.20
CA GLU D 168 -19.02 -11.70 38.84
C GLU D 168 -19.40 -10.23 38.98
N VAL D 169 -20.52 -9.83 38.39
CA VAL D 169 -20.96 -8.44 38.51
C VAL D 169 -20.91 -7.99 39.98
N ARG D 170 -21.50 -8.78 40.88
CA ARG D 170 -21.52 -8.49 42.31
C ARG D 170 -20.13 -8.49 42.90
N ASN D 171 -19.33 -9.47 42.54
CA ASN D 171 -17.99 -9.62 43.11
C ASN D 171 -17.13 -8.37 42.90
N GLU D 172 -17.18 -7.92 41.66
CA GLU D 172 -16.43 -6.80 41.16
C GLU D 172 -16.93 -5.46 41.64
N LEU D 173 -18.25 -5.29 41.68
CA LEU D 173 -18.80 -4.10 42.30
C LEU D 173 -18.49 -4.10 43.80
N SER D 174 -18.42 -5.28 44.46
CA SER D 174 -18.03 -5.37 45.88
C SER D 174 -16.63 -4.85 46.25
N ARG D 175 -15.79 -4.68 45.25
CA ARG D 175 -14.38 -4.55 45.43
C ARG D 175 -13.96 -3.16 45.01
N ALA D 176 -14.25 -2.81 43.76
CA ALA D 176 -14.22 -1.44 43.35
C ALA D 176 -14.89 -0.58 44.45
N SER D 177 -16.05 -1.01 44.93
CA SER D 177 -16.79 -0.31 46.00
C SER D 177 -16.02 -0.16 47.31
N THR D 178 -15.71 -1.28 47.97
CA THR D 178 -15.06 -1.25 49.27
C THR D 178 -13.69 -0.56 49.15
N LEU D 179 -13.01 -0.76 48.02
CA LEU D 179 -11.73 -0.07 47.77
C LEU D 179 -11.89 1.46 47.64
N SER D 180 -12.96 1.90 46.97
CA SER D 180 -13.25 3.32 46.94
C SER D 180 -13.41 3.82 48.37
N VAL D 181 -14.26 3.15 49.15
CA VAL D 181 -14.51 3.60 50.55
C VAL D 181 -13.24 3.63 51.39
N LYS D 182 -12.39 2.61 51.25
CA LYS D 182 -11.10 2.59 51.93
C LYS D 182 -10.25 3.81 51.53
N MET D 183 -10.08 4.01 50.22
CA MET D 183 -9.33 5.16 49.70
C MET D 183 -9.82 6.48 50.34
N ALA D 184 -11.13 6.60 50.52
CA ALA D 184 -11.73 7.81 51.13
C ALA D 184 -11.24 7.95 52.56
N THR D 185 -11.53 6.96 53.39
CA THR D 185 -11.17 7.03 54.83
C THR D 185 -9.67 7.32 55.06
N ALA D 186 -8.80 6.88 54.15
CA ALA D 186 -7.35 7.25 54.16
C ALA D 186 -7.06 8.70 53.71
N GLY D 187 -8.09 9.50 53.40
CA GLY D 187 -7.93 10.88 52.93
C GLY D 187 -7.46 11.08 51.48
N LYS D 188 -7.58 10.08 50.62
CA LYS D 188 -7.35 10.28 49.18
C LYS D 188 -8.51 11.09 48.56
N GLN D 189 -8.16 12.08 47.74
CA GLN D 189 -9.14 13.02 47.17
C GLN D 189 -9.86 12.44 45.94
N PHE D 190 -9.29 11.42 45.32
CA PHE D 190 -9.87 10.82 44.14
C PHE D 190 -10.15 9.32 44.39
N PRO D 191 -11.19 9.03 45.20
CA PRO D 191 -11.50 7.65 45.63
C PRO D 191 -12.35 6.90 44.63
N MET D 192 -11.76 6.68 43.47
CA MET D 192 -12.50 6.11 42.37
C MET D 192 -11.65 5.00 41.80
N VAL D 193 -12.32 3.91 41.40
CA VAL D 193 -11.67 2.68 40.99
C VAL D 193 -12.35 2.20 39.70
N SER D 194 -11.54 1.56 38.86
CA SER D 194 -11.98 0.81 37.68
C SER D 194 -11.32 -0.56 37.69
N VAL D 195 -12.13 -1.61 37.66
CA VAL D 195 -11.61 -2.96 37.59
C VAL D 195 -11.82 -3.53 36.21
N PHE D 196 -10.74 -3.94 35.56
CA PHE D 196 -10.77 -4.46 34.20
C PHE D 196 -10.66 -5.98 34.20
N VAL D 197 -11.57 -6.64 33.50
CA VAL D 197 -11.65 -8.10 33.43
C VAL D 197 -11.61 -8.55 31.97
N ASP D 198 -10.51 -9.21 31.64
CA ASP D 198 -10.30 -9.95 30.40
C ASP D 198 -11.47 -10.86 30.01
N PRO D 199 -11.79 -10.95 28.70
CA PRO D 199 -12.92 -11.80 28.29
C PRO D 199 -12.81 -13.26 28.74
N SER D 200 -11.61 -13.82 28.71
CA SER D 200 -11.46 -15.24 29.08
C SER D 200 -11.45 -15.54 30.58
N ARG D 201 -11.48 -14.52 31.44
CA ARG D 201 -11.31 -14.70 32.90
C ARG D 201 -10.02 -15.49 33.27
N LYS D 202 -9.13 -15.65 32.29
CA LYS D 202 -7.87 -16.36 32.43
C LYS D 202 -6.83 -15.42 33.00
N LYS D 203 -6.72 -14.20 32.45
CA LYS D 203 -5.70 -13.21 32.89
C LYS D 203 -6.04 -12.60 34.26
N ASP D 204 -5.05 -12.03 34.96
CA ASP D 204 -5.27 -11.40 36.27
C ASP D 204 -6.05 -10.15 36.01
N LYS D 205 -6.92 -9.78 36.93
CA LYS D 205 -7.72 -8.57 36.78
C LYS D 205 -6.83 -7.38 37.05
N VAL D 206 -7.19 -6.22 36.49
CA VAL D 206 -6.48 -4.98 36.75
C VAL D 206 -7.40 -4.14 37.61
N VAL D 207 -6.88 -3.71 38.75
CA VAL D 207 -7.60 -2.83 39.67
C VAL D 207 -6.83 -1.52 39.73
N ALA D 208 -7.37 -0.53 39.02
CA ALA D 208 -6.71 0.75 38.85
C ALA D 208 -7.39 1.73 39.77
N GLU D 209 -6.60 2.35 40.65
CA GLU D 209 -7.09 3.50 41.43
C GLU D 209 -6.87 4.70 40.54
N ASP D 210 -7.63 5.74 40.81
CA ASP D 210 -7.45 7.00 40.12
C ASP D 210 -6.06 7.52 40.34
N GLY D 211 -5.37 7.81 39.24
CA GLY D 211 -4.01 8.29 39.30
C GLY D 211 -3.76 9.65 39.92
N ARG D 212 -4.82 10.45 40.10
CA ARG D 212 -4.65 11.78 40.67
C ARG D 212 -4.29 11.81 42.16
N ASN D 213 -4.40 10.67 42.81
CA ASN D 213 -3.86 10.49 44.15
C ASN D 213 -2.34 10.43 44.19
N CYS D 214 -1.69 10.02 43.09
CA CYS D 214 -0.25 9.84 43.01
C CYS D 214 0.54 11.15 42.94
N GLU D 215 1.87 11.06 43.03
CA GLU D 215 2.74 12.21 43.28
C GLU D 215 2.90 13.07 42.05
N ASN D 216 3.54 12.54 41.03
CA ASN D 216 3.84 13.33 39.81
C ASN D 216 2.72 13.10 38.76
N SER D 217 1.46 13.23 39.21
CA SER D 217 0.31 12.87 38.39
C SER D 217 -0.21 14.07 37.63
N LEU D 218 -0.88 13.79 36.52
CA LEU D 218 -1.59 14.82 35.76
C LEU D 218 -3.11 14.75 36.03
N PRO D 219 -3.84 15.87 35.86
CA PRO D 219 -5.32 15.86 35.94
C PRO D 219 -6.06 14.85 35.06
N ILE D 220 -5.39 14.31 34.04
CA ILE D 220 -6.00 13.34 33.12
C ILE D 220 -5.65 11.90 33.45
N ASP D 221 -5.13 11.64 34.63
CA ASP D 221 -4.68 10.31 35.00
C ASP D 221 -5.79 9.61 35.76
N HIS D 222 -6.91 9.43 35.08
CA HIS D 222 -8.12 8.87 35.68
C HIS D 222 -8.01 7.36 35.70
N SER D 223 -8.85 6.73 36.52
CA SER D 223 -8.75 5.28 36.71
C SER D 223 -8.89 4.53 35.44
N VAL D 224 -9.87 4.89 34.60
CA VAL D 224 -10.02 4.22 33.28
C VAL D 224 -8.74 4.29 32.47
N MET D 225 -8.12 5.47 32.46
CA MET D 225 -6.91 5.68 31.68
C MET D 225 -5.77 4.88 32.24
N VAL D 226 -5.66 4.83 33.56
CA VAL D 226 -4.64 4.00 34.20
C VAL D 226 -4.81 2.52 33.85
N GLY D 227 -6.01 1.98 34.04
CA GLY D 227 -6.32 0.61 33.65
C GLY D 227 -6.09 0.25 32.17
N ILE D 228 -6.42 1.15 31.24
CA ILE D 228 -6.15 0.90 29.82
C ILE D 228 -4.65 0.67 29.54
N ARG D 229 -3.82 1.51 30.15
CA ARG D 229 -2.38 1.47 29.97
C ARG D 229 -1.77 0.26 30.70
N ALA D 230 -2.39 -0.18 31.78
CA ALA D 230 -1.97 -1.39 32.49
C ALA D 230 -2.15 -2.63 31.61
N VAL D 231 -3.29 -2.68 30.92
CA VAL D 231 -3.59 -3.77 30.04
C VAL D 231 -2.58 -3.81 28.91
N GLY D 232 -2.19 -2.64 28.44
CA GLY D 232 -1.27 -2.51 27.31
C GLY D 232 0.13 -2.81 27.76
N GLU D 233 0.49 -2.37 28.97
CA GLU D 233 1.80 -2.64 29.54
C GLU D 233 2.00 -4.14 29.71
N ARG D 234 0.99 -4.83 30.24
CA ARG D 234 1.06 -6.29 30.35
C ARG D 234 1.31 -6.90 28.99
N LEU D 235 0.55 -6.45 28.00
CA LEU D 235 0.68 -6.97 26.65
C LEU D 235 2.06 -6.73 26.08
N ARG D 236 2.60 -5.56 26.32
CA ARG D 236 3.78 -5.05 25.66
C ARG D 236 5.04 -5.58 26.38
N GLU D 237 5.23 -5.22 27.65
CA GLU D 237 6.51 -5.37 28.39
C GLU D 237 6.46 -6.68 29.16
N GLY D 238 7.07 -7.70 28.60
CA GLY D 238 6.72 -9.06 28.93
C GLY D 238 5.46 -9.32 28.16
N VAL D 239 5.38 -10.49 27.51
CA VAL D 239 4.19 -10.93 26.79
C VAL D 239 3.43 -11.76 27.79
N ASP D 240 2.10 -11.65 27.76
CA ASP D 240 1.28 -12.24 28.80
C ASP D 240 0.76 -13.63 28.41
N GLU D 241 -0.17 -13.69 27.46
CA GLU D 241 -0.92 -14.92 27.23
C GLU D 241 -0.78 -15.36 25.79
N ASP D 242 -1.33 -14.57 24.88
CA ASP D 242 -1.37 -14.92 23.44
C ASP D 242 -1.20 -13.68 22.57
N ALA D 243 -1.00 -13.92 21.27
CA ALA D 243 -0.89 -12.86 20.24
C ALA D 243 -2.25 -12.48 19.64
N ASN D 244 -3.28 -13.25 19.94
CA ASN D 244 -4.68 -12.82 19.68
C ASN D 244 -5.25 -11.75 20.66
N SER D 245 -4.47 -11.38 21.67
CA SER D 245 -4.84 -10.30 22.57
C SER D 245 -4.60 -8.98 21.82
N TYR D 246 -5.48 -8.02 22.07
CA TYR D 246 -5.61 -6.83 21.23
C TYR D 246 -6.39 -5.73 21.95
N LEU D 247 -5.74 -4.59 22.20
CA LEU D 247 -6.37 -3.48 22.93
C LEU D 247 -6.96 -4.01 24.24
N CYS D 248 -8.12 -3.51 24.69
CA CYS D 248 -8.95 -4.19 25.73
C CYS D 248 -10.19 -4.87 25.09
N LEU D 249 -9.99 -5.45 23.90
CA LEU D 249 -11.07 -6.15 23.22
C LEU D 249 -11.88 -7.09 24.11
N ASP D 250 -13.16 -6.81 24.17
CA ASP D 250 -14.13 -7.58 24.91
C ASP D 250 -13.82 -7.77 26.36
N TYR D 251 -13.14 -6.80 26.96
CA TYR D 251 -13.04 -6.76 28.41
C TYR D 251 -14.37 -6.27 28.97
N ASP D 252 -14.59 -6.55 30.24
CA ASP D 252 -15.66 -5.93 30.99
C ASP D 252 -14.99 -5.04 31.99
N VAL D 253 -15.55 -3.85 32.21
CA VAL D 253 -14.94 -2.86 33.08
C VAL D 253 -15.96 -2.44 34.10
N TYR D 254 -15.56 -2.45 35.37
CA TYR D 254 -16.42 -2.08 36.47
C TYR D 254 -15.88 -0.82 37.11
N LEU D 255 -16.70 0.23 37.17
CA LEU D 255 -16.32 1.54 37.72
C LEU D 255 -17.23 1.96 38.90
N THR D 256 -16.65 2.73 39.81
CA THR D 256 -17.40 3.28 40.91
C THR D 256 -18.15 4.51 40.47
N HIS D 257 -17.61 5.22 39.49
CA HIS D 257 -18.27 6.43 39.01
C HIS D 257 -18.30 6.54 37.50
N GLU D 258 -19.40 7.07 36.99
CA GLU D 258 -19.62 7.26 35.57
C GLU D 258 -18.47 8.05 34.94
N PRO D 259 -17.90 7.53 33.85
CA PRO D 259 -16.69 8.13 33.31
C PRO D 259 -16.93 9.41 32.51
N CYS D 260 -15.97 10.33 32.62
CA CYS D 260 -16.00 11.57 31.85
C CYS D 260 -15.79 11.32 30.34
N SER D 261 -15.85 12.40 29.57
CA SER D 261 -15.86 12.34 28.12
C SER D 261 -14.62 11.68 27.53
N MET D 262 -13.47 11.95 28.15
CA MET D 262 -12.18 11.34 27.75
C MET D 262 -12.19 9.83 27.94
N CYS D 263 -12.66 9.43 29.11
CA CYS D 263 -12.56 8.06 29.54
C CYS D 263 -13.48 7.14 28.79
N SER D 264 -14.72 7.61 28.59
CA SER D 264 -15.73 6.85 27.92
C SER D 264 -15.38 6.69 26.44
N MET D 265 -14.78 7.73 25.85
CA MET D 265 -14.27 7.61 24.49
C MET D 265 -13.06 6.71 24.44
N ALA D 266 -12.24 6.73 25.48
CA ALA D 266 -11.09 5.84 25.57
C ALA D 266 -11.50 4.34 25.55
N LEU D 267 -12.53 4.02 26.30
CA LEU D 267 -13.14 2.71 26.27
C LEU D 267 -13.73 2.37 24.91
N ILE D 268 -14.17 3.35 24.12
CA ILE D 268 -14.51 3.10 22.73
C ILE D 268 -13.25 2.67 21.96
N HIS D 269 -12.18 3.44 22.08
CA HIS D 269 -10.93 3.10 21.40
C HIS D 269 -10.31 1.79 21.83
N SER D 270 -10.68 1.34 23.02
CA SER D 270 -10.13 0.14 23.60
C SER D 270 -10.94 -1.13 23.29
N ARG D 271 -12.10 -0.94 22.64
CA ARG D 271 -12.99 -2.02 22.15
C ARG D 271 -13.57 -2.92 23.25
N VAL D 272 -13.75 -2.38 24.45
CA VAL D 272 -14.36 -3.15 25.54
C VAL D 272 -15.77 -3.55 25.15
N ARG D 273 -16.29 -4.53 25.86
CA ARG D 273 -17.65 -5.03 25.64
C ARG D 273 -18.66 -4.40 26.55
N ARG D 274 -18.30 -4.26 27.82
CA ARG D 274 -19.25 -3.81 28.83
C ARG D 274 -18.61 -2.88 29.87
N VAL D 275 -19.41 -1.96 30.38
CA VAL D 275 -19.05 -1.10 31.48
C VAL D 275 -20.19 -1.14 32.47
N VAL D 276 -19.85 -1.36 33.73
CA VAL D 276 -20.83 -1.35 34.82
C VAL D 276 -20.39 -0.31 35.85
N PHE D 277 -21.23 0.68 36.09
CA PHE D 277 -20.87 1.78 36.98
C PHE D 277 -21.86 1.95 38.11
N LEU D 278 -21.35 2.33 39.27
CA LEU D 278 -22.17 2.51 40.45
C LEU D 278 -22.80 3.90 40.50
N THR D 279 -21.98 4.93 40.41
CA THR D 279 -22.44 6.30 40.69
C THR D 279 -22.61 7.12 39.44
N GLU D 280 -23.82 7.59 39.16
CA GLU D 280 -24.01 8.54 38.07
C GLU D 280 -23.36 9.84 38.47
N MET D 281 -22.98 10.61 37.46
CA MET D 281 -22.42 11.94 37.60
C MET D 281 -23.19 12.85 36.65
N GLN D 282 -24.23 13.46 37.20
CA GLN D 282 -25.16 14.26 36.41
C GLN D 282 -24.46 15.35 35.68
N ARG D 283 -23.48 15.95 36.34
CA ARG D 283 -22.70 17.04 35.75
C ARG D 283 -21.60 16.63 34.75
N THR D 284 -20.75 15.67 35.11
CA THR D 284 -19.60 15.30 34.25
C THR D 284 -19.79 13.97 33.45
N GLY D 285 -20.78 13.18 33.83
CA GLY D 285 -20.99 11.87 33.20
C GLY D 285 -21.24 11.90 31.71
N SER D 286 -20.79 10.86 31.03
CA SER D 286 -20.86 10.75 29.56
C SER D 286 -21.53 9.49 29.02
N LEU D 287 -22.23 8.77 29.90
CA LEU D 287 -22.99 7.59 29.52
C LEU D 287 -24.49 7.79 29.60
N LYS D 288 -25.02 8.11 30.77
CA LYS D 288 -26.49 8.29 30.92
C LYS D 288 -27.00 9.42 30.10
N LEU D 289 -28.19 9.23 29.53
CA LEU D 289 -28.83 10.26 28.73
C LEU D 289 -29.00 11.57 29.51
N THR D 290 -29.22 11.43 30.81
CA THR D 290 -29.39 12.54 31.73
C THR D 290 -28.09 13.12 32.28
N SER D 291 -26.96 12.49 31.95
CA SER D 291 -25.68 12.94 32.45
C SER D 291 -25.02 13.88 31.45
N GLY D 292 -24.57 15.02 31.98
CA GLY D 292 -23.63 15.92 31.30
C GLY D 292 -24.34 16.50 30.11
N ASP D 293 -23.71 16.42 28.95
CA ASP D 293 -24.31 16.89 27.72
C ASP D 293 -25.06 15.78 26.99
N GLY D 294 -25.32 14.68 27.67
CA GLY D 294 -26.01 13.58 27.01
C GLY D 294 -25.22 13.05 25.85
N TYR D 295 -23.94 12.88 26.05
CA TYR D 295 -23.08 12.37 25.02
C TYR D 295 -23.36 10.92 24.66
N CYS D 296 -23.84 10.16 25.65
CA CYS D 296 -24.14 8.75 25.47
C CYS D 296 -23.06 7.96 24.69
N MET D 297 -21.81 8.09 25.12
CA MET D 297 -20.66 7.63 24.35
C MET D 297 -20.72 6.14 23.98
N ASN D 298 -21.30 5.33 24.87
CA ASN D 298 -21.46 3.90 24.58
C ASN D 298 -22.43 3.59 23.43
N ASP D 299 -23.31 4.53 23.08
CA ASP D 299 -24.39 4.31 22.14
C ASP D 299 -24.55 5.53 21.26
N ASN D 300 -23.49 5.91 20.55
CA ASN D 300 -23.59 7.10 19.70
C ASN D 300 -23.67 6.67 18.26
N LYS D 301 -24.69 7.16 17.56
CA LYS D 301 -24.96 6.81 16.17
C LYS D 301 -23.73 7.00 15.26
N GLN D 302 -22.96 8.07 15.51
CA GLN D 302 -21.85 8.46 14.63
C GLN D 302 -20.48 7.87 14.96
N LEU D 303 -20.37 6.95 15.91
CA LEU D 303 -19.05 6.52 16.35
C LEU D 303 -18.55 5.23 15.76
N ASN D 304 -19.45 4.48 15.12
CA ASN D 304 -19.08 3.20 14.46
C ASN D 304 -18.71 2.09 15.40
N SER D 305 -18.92 2.28 16.68
CA SER D 305 -18.59 1.28 17.67
C SER D 305 -19.46 1.58 18.84
N THR D 306 -19.68 0.59 19.70
CA THR D 306 -20.49 0.75 20.90
C THR D 306 -20.00 -0.16 21.98
N TYR D 307 -20.53 0.02 23.18
CA TYR D 307 -20.40 -0.97 24.22
C TYR D 307 -21.59 -0.95 25.09
N GLU D 308 -21.81 -2.06 25.75
CA GLU D 308 -22.94 -2.23 26.64
C GLU D 308 -22.62 -1.42 27.88
N ALA D 309 -23.64 -0.82 28.46
CA ALA D 309 -23.47 -0.09 29.71
C ALA D 309 -24.61 -0.33 30.69
N PHE D 310 -24.25 -0.48 31.97
CA PHE D 310 -25.22 -0.64 33.04
C PHE D 310 -24.89 0.20 34.22
N GLN D 311 -25.92 0.77 34.84
CA GLN D 311 -25.80 1.31 36.19
C GLN D 311 -26.33 0.34 37.24
N TRP D 312 -25.49 0.00 38.22
CA TRP D 312 -26.01 -0.68 39.42
C TRP D 312 -26.89 0.29 40.23
N ILE D 313 -28.16 -0.08 40.44
CA ILE D 313 -29.10 0.80 41.13
C ILE D 313 -29.44 0.36 42.55
N GLY D 314 -28.91 -0.76 42.98
CA GLY D 314 -29.04 -1.16 44.37
C GLY D 314 -28.22 -0.28 45.28
N GLU D 315 -28.23 -0.63 46.56
CA GLU D 315 -27.49 0.08 47.61
C GLU D 315 -26.47 -0.79 48.31
N GLU D 316 -26.26 -1.99 47.79
CA GLU D 316 -25.27 -2.94 48.33
C GLU D 316 -23.88 -2.28 48.50
N TYR D 317 -23.50 -1.44 47.53
CA TYR D 317 -22.14 -1.00 47.32
C TYR D 317 -22.01 0.52 47.48
N PRO D 318 -21.80 0.97 48.73
CA PRO D 318 -21.46 2.38 48.93
C PRO D 318 -20.05 2.67 48.43
N VAL D 319 -19.78 3.92 48.11
CA VAL D 319 -18.47 4.31 47.57
C VAL D 319 -17.97 5.60 48.23
N GLY D 320 -16.68 5.88 48.06
CA GLY D 320 -16.08 7.15 48.47
C GLY D 320 -16.84 8.30 47.83
N GLN D 321 -17.09 9.34 48.61
CA GLN D 321 -17.84 10.49 48.11
C GLN D 321 -16.94 11.37 47.25
N VAL D 322 -17.49 11.78 46.11
CA VAL D 322 -16.76 12.57 45.15
C VAL D 322 -17.58 13.81 44.91
N ASP D 323 -16.90 14.93 44.78
CA ASP D 323 -17.58 16.19 44.54
C ASP D 323 -18.29 16.13 43.18
N ARG D 324 -19.43 16.80 43.08
CA ARG D 324 -20.22 16.80 41.85
C ARG D 324 -19.48 17.32 40.58
N ASP D 325 -18.52 18.20 40.76
CA ASP D 325 -17.85 18.77 39.59
C ASP D 325 -16.57 18.06 39.17
N VAL D 326 -16.43 16.81 39.56
CA VAL D 326 -15.22 16.04 39.23
C VAL D 326 -15.46 15.20 37.97
N CYS D 327 -14.52 15.27 37.04
CA CYS D 327 -14.54 14.41 35.86
C CYS D 327 -14.04 13.04 36.22
N CYS D 328 -14.97 12.09 36.20
CA CYS D 328 -14.85 10.72 36.74
C CYS D 328 -15.42 10.56 38.16
ZN ZN E . 17.95 -6.50 -14.43
ZN ZN F . -6.90 11.20 19.58
ZN ZN G . 25.89 -7.55 -26.35
ZN ZN H . -12.10 10.44 32.99
#